data_6MT2
#
_entry.id   6MT2
#
_cell.length_a   235.202
_cell.length_b   235.202
_cell.length_c   235.202
_cell.angle_alpha   90.00
_cell.angle_beta   90.00
_cell.angle_gamma   90.00
#
_symmetry.space_group_name_H-M   'I 2 3'
#
loop_
_entity.id
_entity.type
_entity.pdbx_description
1 polymer 'Soluble inorganic pyrophosphatase'
2 water water
#
_entity_poly.entity_id   1
_entity_poly.type   'polypeptide(L)'
_entity_poly.pdbx_seq_one_letter_code
;SNAMSEEKSEEVQETRPTPRLNERILSSLSRRSVAAHPWHDLEIGPGAPNIFNCVVEITKGSKVKYELDKKTGMIKVDRI
LYSSVVYPHNYGFIPRTLCEDNDPLDVLVLMQEPVLPGCFLRARAIGLMPMIDQGEKDDKIIAVCADDPEYKHYTDFKEL
QPHRLMEIKRFFEDYKKNENKEVAVNEFLPPSTAVEAIQHSMDLYAEYILHTLR
;
_entity_poly.pdbx_strand_id   A,B,C,D
#
# COMPACT_ATOMS: atom_id res chain seq x y z
N ARG A 32 -12.76 -27.77 21.50
CA ARG A 32 -11.41 -27.99 20.90
C ARG A 32 -10.59 -26.70 20.61
N SER A 33 -11.18 -25.50 20.74
CA SER A 33 -10.50 -24.25 20.35
C SER A 33 -10.40 -23.18 21.45
N VAL A 34 -9.52 -22.22 21.20
CA VAL A 34 -9.06 -21.24 22.22
C VAL A 34 -10.18 -20.41 22.91
N ALA A 35 -10.96 -19.63 22.13
CA ALA A 35 -11.93 -18.62 22.66
C ALA A 35 -11.30 -17.50 23.50
N ALA A 36 -10.90 -16.39 22.87
CA ALA A 36 -9.98 -15.46 23.54
C ALA A 36 -9.80 -14.06 22.90
N HIS A 37 -8.84 -13.32 23.49
CA HIS A 37 -8.57 -11.88 23.41
C HIS A 37 -8.26 -11.31 22.03
N PRO A 38 -9.12 -10.42 21.54
CA PRO A 38 -8.96 -10.01 20.16
C PRO A 38 -7.65 -9.33 19.78
N TRP A 39 -7.02 -8.56 20.64
CA TRP A 39 -5.69 -8.02 20.32
C TRP A 39 -4.64 -9.09 20.11
N HIS A 40 -4.60 -10.07 21.01
CA HIS A 40 -3.48 -11.01 21.07
C HIS A 40 -3.74 -12.30 20.33
N ASP A 41 -5.00 -12.73 20.31
CA ASP A 41 -5.33 -14.07 19.89
C ASP A 41 -5.97 -14.11 18.51
N LEU A 42 -6.20 -12.95 17.92
CA LEU A 42 -6.70 -12.92 16.56
C LEU A 42 -5.48 -12.71 15.68
N GLU A 43 -5.25 -13.65 14.77
CA GLU A 43 -4.16 -13.48 13.82
C GLU A 43 -4.38 -12.22 13.00
N ILE A 44 -3.30 -11.55 12.66
CA ILE A 44 -3.41 -10.40 11.78
C ILE A 44 -3.85 -10.83 10.39
N GLY A 45 -3.58 -12.08 10.02
CA GLY A 45 -4.10 -12.69 8.81
C GLY A 45 -3.02 -12.91 7.78
N PRO A 46 -3.18 -13.91 6.92
CA PRO A 46 -2.12 -14.27 5.99
C PRO A 46 -1.87 -13.28 4.88
N GLY A 47 -2.79 -12.37 4.62
CA GLY A 47 -2.59 -11.36 3.62
C GLY A 47 -1.85 -10.13 4.10
N ALA A 48 -1.57 -10.04 5.39
CA ALA A 48 -0.96 -8.84 5.97
C ALA A 48 0.46 -8.65 5.44
N PRO A 49 0.93 -7.41 5.29
CA PRO A 49 0.25 -6.20 5.76
C PRO A 49 -0.71 -5.59 4.77
N ASN A 50 -0.79 -6.12 3.55
CA ASN A 50 -1.62 -5.47 2.56
C ASN A 50 -3.11 -5.62 2.88
N ILE A 51 -3.53 -6.85 3.17
CA ILE A 51 -4.88 -7.16 3.66
C ILE A 51 -4.82 -7.79 5.06
N PHE A 52 -5.50 -7.19 6.01
CA PHE A 52 -5.38 -7.60 7.40
C PHE A 52 -6.73 -7.71 8.09
N ASN A 53 -6.74 -8.46 9.18
CA ASN A 53 -7.88 -8.46 10.04
C ASN A 53 -7.88 -7.23 10.86
N CYS A 54 -9.06 -6.87 11.28
CA CYS A 54 -9.29 -5.60 11.84
C CYS A 54 -10.49 -5.76 12.76
N VAL A 55 -10.31 -5.43 14.03
CA VAL A 55 -11.39 -5.52 15.02
C VAL A 55 -12.08 -4.18 15.13
N VAL A 56 -13.39 -4.18 14.91
CA VAL A 56 -14.17 -2.95 14.92
C VAL A 56 -14.51 -2.60 16.35
N GLU A 57 -14.19 -1.37 16.73
CA GLU A 57 -14.55 -0.82 18.03
C GLU A 57 -15.82 0.03 17.91
N ILE A 58 -15.91 0.83 16.85
CA ILE A 58 -16.97 1.82 16.70
C ILE A 58 -17.69 1.74 15.37
N THR A 59 -19.02 1.74 15.40
CA THR A 59 -19.80 1.69 14.17
C THR A 59 -19.90 3.05 13.50
N LYS A 60 -19.87 3.06 12.16
CA LYS A 60 -20.39 4.18 11.34
C LYS A 60 -21.68 4.83 11.89
N GLY A 61 -21.60 6.13 12.16
CA GLY A 61 -22.74 6.89 12.67
C GLY A 61 -22.84 6.96 14.18
N SER A 62 -21.89 6.35 14.88
CA SER A 62 -21.94 6.26 16.33
C SER A 62 -21.42 7.55 16.96
N LYS A 63 -22.14 8.03 17.97
CA LYS A 63 -21.65 9.08 18.84
C LYS A 63 -20.92 8.51 20.07
N VAL A 64 -21.10 7.22 20.33
CA VAL A 64 -20.43 6.52 21.42
C VAL A 64 -19.01 6.12 21.01
N LYS A 65 -18.00 6.54 21.79
CA LYS A 65 -16.63 6.12 21.52
C LYS A 65 -16.28 4.89 22.34
N TYR A 66 -16.56 3.74 21.77
CA TYR A 66 -16.14 2.50 22.35
C TYR A 66 -14.66 2.34 22.15
N GLU A 67 -14.05 1.63 23.08
CA GLU A 67 -12.72 1.12 22.82
C GLU A 67 -12.57 -0.22 23.51
N LEU A 68 -11.53 -0.90 23.09
CA LEU A 68 -11.24 -2.23 23.59
C LEU A 68 -10.53 -2.12 24.93
N ASP A 69 -11.00 -2.84 25.92
CA ASP A 69 -10.30 -2.88 27.19
C ASP A 69 -9.09 -3.78 27.09
N LYS A 70 -7.91 -3.23 27.27
CA LYS A 70 -6.68 -3.99 27.03
C LYS A 70 -6.63 -5.19 27.98
N LYS A 71 -7.00 -4.98 29.23
CA LYS A 71 -6.93 -6.05 30.21
C LYS A 71 -7.90 -7.22 29.98
N THR A 72 -9.17 -6.92 29.78
CA THR A 72 -10.19 -7.98 29.68
C THR A 72 -10.51 -8.37 28.28
N GLY A 73 -10.18 -7.53 27.31
CA GLY A 73 -10.58 -7.73 25.93
C GLY A 73 -12.06 -7.49 25.67
N MET A 74 -12.75 -6.90 26.65
CA MET A 74 -14.13 -6.49 26.49
C MET A 74 -14.17 -5.13 25.78
N ILE A 75 -15.34 -4.74 25.31
CA ILE A 75 -15.54 -3.43 24.74
C ILE A 75 -16.07 -2.54 25.86
N LYS A 76 -15.46 -1.38 26.04
CA LYS A 76 -15.91 -0.44 27.04
C LYS A 76 -16.36 0.84 26.34
N VAL A 77 -17.23 1.59 27.00
CA VAL A 77 -17.45 2.95 26.62
C VAL A 77 -16.31 3.78 27.19
N ASP A 78 -15.43 4.27 26.34
CA ASP A 78 -14.47 5.29 26.76
C ASP A 78 -15.15 6.61 27.05
N ARG A 79 -16.03 7.03 26.14
CA ARG A 79 -16.85 8.23 26.33
C ARG A 79 -17.96 8.35 25.29
N ILE A 80 -18.96 9.17 25.62
CA ILE A 80 -19.83 9.75 24.62
C ILE A 80 -19.12 11.00 24.12
N LEU A 81 -19.25 11.29 22.83
CA LEU A 81 -18.52 12.42 22.28
C LEU A 81 -19.09 13.78 22.72
N TYR A 82 -18.16 14.71 22.85
CA TYR A 82 -18.43 16.03 23.44
C TYR A 82 -19.07 16.99 22.42
N SER A 83 -18.86 16.76 21.13
CA SER A 83 -19.49 17.51 20.06
C SER A 83 -20.64 16.67 19.46
N SER A 84 -21.52 17.30 18.68
CA SER A 84 -22.59 16.59 17.98
C SER A 84 -22.05 16.02 16.66
N VAL A 85 -21.07 15.14 16.78
CA VAL A 85 -20.43 14.53 15.61
C VAL A 85 -20.58 13.04 15.71
N VAL A 86 -20.45 12.37 14.57
CA VAL A 86 -20.53 10.93 14.53
C VAL A 86 -19.39 10.40 13.69
N TYR A 87 -18.97 9.17 14.00
CA TYR A 87 -17.89 8.56 13.26
C TYR A 87 -18.33 8.36 11.80
N PRO A 88 -17.49 8.77 10.85
CA PRO A 88 -17.87 8.72 9.44
C PRO A 88 -17.82 7.35 8.82
N HIS A 89 -17.01 6.45 9.39
CA HIS A 89 -17.03 5.03 9.00
C HIS A 89 -16.77 4.15 10.18
N ASN A 90 -16.95 2.85 9.98
CA ASN A 90 -16.54 1.86 10.97
C ASN A 90 -15.08 2.09 11.30
N TYR A 91 -14.77 2.00 12.59
CA TYR A 91 -13.46 2.32 13.11
C TYR A 91 -12.99 1.23 14.08
N GLY A 92 -11.70 0.99 14.11
CA GLY A 92 -11.18 -0.07 14.99
C GLY A 92 -9.67 -0.19 14.97
N PHE A 93 -9.17 -1.36 15.35
CA PHE A 93 -7.73 -1.58 15.40
C PHE A 93 -7.32 -2.90 14.75
N ILE A 94 -6.02 -2.99 14.48
CA ILE A 94 -5.42 -4.19 13.90
C ILE A 94 -4.83 -5.02 15.02
N PRO A 95 -5.28 -6.28 15.15
CA PRO A 95 -4.67 -7.11 16.17
C PRO A 95 -3.22 -7.37 15.89
N ARG A 96 -2.49 -7.69 16.95
CA ARG A 96 -1.04 -7.95 16.93
C ARG A 96 -0.22 -6.83 16.31
N THR A 97 -0.65 -5.60 16.57
CA THR A 97 0.12 -4.42 16.25
C THR A 97 0.37 -3.65 17.51
N LEU A 98 1.39 -2.82 17.46
CA LEU A 98 1.77 -1.96 18.55
C LEU A 98 2.42 -0.72 18.00
N CYS A 99 2.13 0.43 18.60
CA CYS A 99 2.79 1.67 18.22
C CYS A 99 3.55 2.28 19.40
N GLU A 100 4.28 3.37 19.12
CA GLU A 100 5.04 4.10 20.15
C GLU A 100 4.17 4.48 21.35
N ASP A 101 2.86 4.70 21.14
CA ASP A 101 1.88 4.94 22.24
C ASP A 101 1.44 3.73 23.11
N ASN A 102 2.01 2.54 22.90
CA ASN A 102 1.59 1.27 23.56
C ASN A 102 0.20 0.72 23.29
N ASP A 103 -0.36 1.17 22.16
CA ASP A 103 -1.66 0.78 21.69
C ASP A 103 -1.52 0.17 20.32
N PRO A 104 -2.50 -0.65 19.94
CA PRO A 104 -2.49 -1.12 18.57
C PRO A 104 -2.73 0.01 17.57
N LEU A 105 -2.44 -0.30 16.32
CA LEU A 105 -2.65 0.61 15.21
C LEU A 105 -4.14 0.67 14.81
N ASP A 106 -4.64 1.90 14.72
CA ASP A 106 -6.06 2.16 14.44
C ASP A 106 -6.37 2.24 12.95
N VAL A 107 -7.60 1.90 12.60
CA VAL A 107 -8.04 1.86 11.20
C VAL A 107 -9.42 2.44 11.05
N LEU A 108 -9.60 3.17 9.95
CA LEU A 108 -10.91 3.59 9.51
C LEU A 108 -11.25 2.77 8.27
N VAL A 109 -12.42 2.13 8.30
CA VAL A 109 -12.79 1.14 7.29
C VAL A 109 -14.03 1.56 6.51
N LEU A 110 -13.82 1.83 5.22
CA LEU A 110 -14.89 2.25 4.34
C LEU A 110 -15.57 1.01 3.77
N MET A 111 -16.91 1.05 3.76
CA MET A 111 -17.73 -0.07 3.31
C MET A 111 -19.24 0.28 3.35
N GLN A 112 -20.03 -0.47 2.61
CA GLN A 112 -21.45 -0.17 2.46
C GLN A 112 -22.20 -0.10 3.77
N GLU A 113 -21.86 -0.97 4.71
CA GLU A 113 -22.70 -1.22 5.87
C GLU A 113 -21.99 -0.90 7.19
N PRO A 114 -22.78 -0.53 8.20
CA PRO A 114 -22.26 -0.41 9.54
C PRO A 114 -22.00 -1.79 10.13
N VAL A 115 -20.97 -1.91 10.96
CA VAL A 115 -20.56 -3.17 11.53
C VAL A 115 -20.51 -3.00 13.02
N LEU A 116 -20.79 -4.07 13.75
CA LEU A 116 -20.84 -4.01 15.21
C LEU A 116 -19.50 -3.99 15.92
N PRO A 117 -19.40 -3.24 17.03
CA PRO A 117 -18.25 -3.34 17.92
C PRO A 117 -17.98 -4.79 18.30
N GLY A 118 -16.70 -5.14 18.35
CA GLY A 118 -16.31 -6.48 18.73
C GLY A 118 -16.23 -7.51 17.62
N CYS A 119 -16.78 -7.21 16.46
CA CYS A 119 -16.63 -8.07 15.29
C CYS A 119 -15.31 -7.79 14.66
N PHE A 120 -14.85 -8.71 13.82
CA PHE A 120 -13.69 -8.41 13.02
C PHE A 120 -13.99 -8.61 11.56
N LEU A 121 -13.16 -7.98 10.73
CA LEU A 121 -13.28 -8.09 9.30
C LEU A 121 -11.91 -8.00 8.64
N ARG A 122 -11.92 -8.28 7.35
CA ARG A 122 -10.75 -8.28 6.51
C ARG A 122 -10.75 -6.94 5.82
N ALA A 123 -9.62 -6.23 5.83
CA ALA A 123 -9.54 -4.89 5.24
C ALA A 123 -8.25 -4.67 4.47
N ARG A 124 -8.32 -3.99 3.32
CA ARG A 124 -7.12 -3.60 2.55
C ARG A 124 -6.75 -2.18 2.87
N ALA A 125 -5.47 -1.93 3.13
CA ALA A 125 -5.01 -0.55 3.34
C ALA A 125 -5.01 0.25 2.02
N ILE A 126 -5.56 1.45 2.03
CA ILE A 126 -5.46 2.35 0.86
C ILE A 126 -4.80 3.68 1.15
N GLY A 127 -4.35 3.90 2.37
CA GLY A 127 -3.66 5.11 2.70
C GLY A 127 -3.37 5.21 4.16
N LEU A 128 -2.53 6.17 4.51
CA LEU A 128 -2.18 6.49 5.88
C LEU A 128 -2.58 7.93 6.12
N MET A 129 -3.22 8.18 7.26
CA MET A 129 -3.71 9.50 7.66
C MET A 129 -2.82 9.96 8.80
N PRO A 130 -1.82 10.81 8.50
CA PRO A 130 -0.92 11.26 9.56
C PRO A 130 -1.57 12.32 10.44
N MET A 131 -1.37 12.18 11.75
CA MET A 131 -2.00 13.05 12.72
C MET A 131 -1.05 13.29 13.87
N ILE A 132 -1.29 14.42 14.53
CA ILE A 132 -0.70 14.73 15.83
C ILE A 132 -1.87 15.02 16.77
N ASP A 133 -2.03 14.15 17.78
CA ASP A 133 -3.07 14.23 18.81
C ASP A 133 -2.45 14.72 20.10
N GLN A 134 -2.75 15.98 20.44
CA GLN A 134 -2.16 16.66 21.60
C GLN A 134 -0.63 16.57 21.61
N GLY A 135 -0.02 17.08 20.55
CA GLY A 135 1.43 17.07 20.42
C GLY A 135 2.13 15.72 20.25
N GLU A 136 1.36 14.62 20.26
CA GLU A 136 1.91 13.27 20.07
C GLU A 136 1.44 12.69 18.73
N LYS A 137 2.38 12.12 17.96
CA LYS A 137 2.12 11.38 16.73
C LYS A 137 1.02 10.35 16.94
N ASP A 138 0.03 10.28 16.04
CA ASP A 138 -0.96 9.17 16.07
C ASP A 138 -1.54 8.87 14.70
N ASP A 139 -0.67 8.42 13.81
CA ASP A 139 -1.08 8.06 12.47
C ASP A 139 -2.04 6.88 12.50
N LYS A 140 -3.02 6.91 11.59
CA LYS A 140 -4.04 5.87 11.44
C LYS A 140 -4.18 5.45 9.98
N ILE A 141 -4.71 4.25 9.78
CA ILE A 141 -4.83 3.68 8.47
C ILE A 141 -6.20 3.97 7.94
N ILE A 142 -6.28 4.19 6.64
CA ILE A 142 -7.57 4.29 5.99
C ILE A 142 -7.61 3.11 5.06
N ALA A 143 -8.74 2.44 5.04
CA ALA A 143 -8.87 1.14 4.42
C ALA A 143 -10.29 0.88 3.96
N VAL A 144 -10.42 -0.21 3.21
CA VAL A 144 -11.69 -0.68 2.73
C VAL A 144 -11.84 -2.14 3.11
N CYS A 145 -13.08 -2.56 3.27
CA CYS A 145 -13.35 -3.96 3.60
C CYS A 145 -13.15 -4.82 2.39
N ALA A 146 -12.36 -5.87 2.56
CA ALA A 146 -11.95 -6.71 1.44
C ALA A 146 -13.03 -7.70 1.01
N ASP A 147 -14.11 -7.76 1.77
CA ASP A 147 -15.21 -8.66 1.49
C ASP A 147 -16.51 -7.92 1.22
N ASP A 148 -16.41 -6.60 1.02
CA ASP A 148 -17.50 -5.77 0.53
C ASP A 148 -17.32 -5.68 -0.98
N PRO A 149 -18.27 -6.21 -1.76
CA PRO A 149 -18.09 -6.29 -3.21
C PRO A 149 -18.06 -4.96 -3.95
N GLU A 150 -18.54 -3.88 -3.32
CA GLU A 150 -18.35 -2.55 -3.84
C GLU A 150 -16.96 -2.03 -3.51
N TYR A 151 -16.63 -2.01 -2.23
CA TYR A 151 -15.40 -1.35 -1.81
C TYR A 151 -14.13 -2.13 -2.00
N LYS A 152 -14.22 -3.43 -2.24
CA LYS A 152 -13.01 -4.25 -2.24
C LYS A 152 -12.07 -3.91 -3.38
N HIS A 153 -12.55 -3.26 -4.45
CA HIS A 153 -11.70 -3.02 -5.61
C HIS A 153 -10.90 -1.73 -5.54
N TYR A 154 -11.19 -0.88 -4.56
CA TYR A 154 -10.32 0.27 -4.27
C TYR A 154 -8.94 -0.14 -3.77
N THR A 155 -7.95 0.61 -4.19
CA THR A 155 -6.56 0.37 -3.80
C THR A 155 -5.79 1.59 -3.35
N ASP A 156 -6.24 2.79 -3.74
CA ASP A 156 -5.61 4.05 -3.32
C ASP A 156 -6.73 4.95 -2.87
N PHE A 157 -6.47 5.76 -1.87
CA PHE A 157 -7.43 6.76 -1.42
C PHE A 157 -7.63 7.85 -2.44
N LYS A 158 -6.65 8.04 -3.33
CA LYS A 158 -6.80 8.98 -4.45
C LYS A 158 -7.99 8.60 -5.33
N GLU A 159 -8.29 7.31 -5.40
CA GLU A 159 -9.48 6.81 -6.10
C GLU A 159 -10.81 7.26 -5.48
N LEU A 160 -10.80 7.68 -4.22
CA LEU A 160 -12.03 8.15 -3.57
C LEU A 160 -12.36 9.57 -3.99
N GLN A 161 -13.63 9.92 -3.82
CA GLN A 161 -14.10 11.29 -4.06
C GLN A 161 -13.43 12.22 -3.08
N PRO A 162 -12.90 13.34 -3.58
CA PRO A 162 -12.17 14.26 -2.69
C PRO A 162 -12.96 14.77 -1.49
N HIS A 163 -14.28 14.87 -1.60
CA HIS A 163 -15.07 15.26 -0.45
C HIS A 163 -14.94 14.29 0.71
N ARG A 164 -14.99 13.00 0.38
CA ARG A 164 -14.89 11.93 1.36
C ARG A 164 -13.62 12.11 2.21
N LEU A 165 -12.54 12.55 1.61
CA LEU A 165 -11.32 12.83 2.36
C LEU A 165 -11.47 14.05 3.22
N MET A 166 -11.96 15.13 2.62
CA MET A 166 -12.18 16.39 3.33
C MET A 166 -13.06 16.13 4.58
N GLU A 167 -14.10 15.31 4.42
CA GLU A 167 -15.00 14.94 5.54
C GLU A 167 -14.28 14.20 6.66
N ILE A 168 -13.48 13.22 6.25
CA ILE A 168 -12.74 12.40 7.18
C ILE A 168 -11.73 13.26 7.95
N LYS A 169 -10.88 13.94 7.19
CA LYS A 169 -9.90 14.86 7.74
C LYS A 169 -10.57 15.77 8.78
N ARG A 170 -11.71 16.36 8.40
CA ARG A 170 -12.44 17.23 9.30
C ARG A 170 -12.85 16.55 10.58
N PHE A 171 -13.38 15.33 10.47
CA PHE A 171 -13.87 14.62 11.62
C PHE A 171 -12.80 14.56 12.70
N PHE A 172 -11.59 14.18 12.35
CA PHE A 172 -10.54 14.06 13.33
C PHE A 172 -10.05 15.39 13.88
N GLU A 173 -10.04 16.41 13.03
CA GLU A 173 -9.77 17.78 13.48
C GLU A 173 -10.78 18.20 14.57
N ASP A 174 -12.06 17.90 14.34
CA ASP A 174 -13.17 18.41 15.14
C ASP A 174 -13.63 17.52 16.33
N TYR A 175 -13.40 16.22 16.31
CA TYR A 175 -14.11 15.31 17.25
C TYR A 175 -13.78 15.48 18.73
N LYS A 176 -12.56 15.91 19.03
CA LYS A 176 -12.15 16.14 20.42
C LYS A 176 -12.03 17.62 20.79
N LYS A 177 -12.57 18.52 19.95
CA LYS A 177 -12.44 19.97 20.18
C LYS A 177 -13.05 20.40 21.50
N ASN A 178 -14.26 19.92 21.80
CA ASN A 178 -14.93 20.23 23.06
C ASN A 178 -14.33 19.63 24.34
N GLU A 179 -13.31 18.80 24.20
CA GLU A 179 -12.49 18.35 25.32
C GLU A 179 -11.20 19.16 25.46
N ASN A 180 -11.05 20.25 24.71
CA ASN A 180 -9.80 21.05 24.62
C ASN A 180 -8.58 20.27 24.19
N LYS A 181 -8.79 19.29 23.34
CA LYS A 181 -7.70 18.50 22.83
C LYS A 181 -7.53 18.93 21.37
N GLU A 182 -6.32 19.39 21.03
CA GLU A 182 -5.99 19.79 19.67
C GLU A 182 -5.49 18.59 18.87
N VAL A 183 -6.03 18.42 17.66
CA VAL A 183 -5.64 17.31 16.76
C VAL A 183 -5.34 17.90 15.37
N ALA A 184 -4.08 17.88 14.96
CA ALA A 184 -3.70 18.30 13.62
C ALA A 184 -3.70 17.10 12.67
N VAL A 185 -4.24 17.28 11.47
CA VAL A 185 -4.29 16.23 10.46
C VAL A 185 -3.60 16.70 9.17
N ASN A 186 -2.57 16.00 8.72
CA ASN A 186 -1.85 16.36 7.49
C ASN A 186 -2.42 15.65 6.29
N GLU A 187 -1.86 15.90 5.12
CA GLU A 187 -2.31 15.25 3.89
C GLU A 187 -2.04 13.77 3.98
N PHE A 188 -2.96 13.00 3.41
CA PHE A 188 -2.87 11.56 3.46
C PHE A 188 -1.73 11.06 2.59
N LEU A 189 -1.08 10.00 3.07
CA LEU A 189 0.03 9.42 2.37
C LEU A 189 -0.40 8.11 1.71
N PRO A 190 0.33 7.67 0.67
CA PRO A 190 -0.12 6.52 -0.14
C PRO A 190 -0.11 5.12 0.53
N PRO A 191 -0.76 4.15 -0.11
CA PRO A 191 -0.79 2.76 0.32
C PRO A 191 0.56 2.21 0.77
N SER A 192 1.60 2.42 -0.04
CA SER A 192 2.92 1.92 0.31
C SER A 192 3.32 2.36 1.73
N THR A 193 3.03 3.62 2.04
CA THR A 193 3.40 4.22 3.33
C THR A 193 2.64 3.62 4.48
N ALA A 194 1.36 3.33 4.22
CA ALA A 194 0.46 2.71 5.21
C ALA A 194 0.92 1.32 5.55
N VAL A 195 1.23 0.58 4.49
CA VAL A 195 1.77 -0.75 4.59
C VAL A 195 3.07 -0.76 5.38
N GLU A 196 3.96 0.21 5.18
CA GLU A 196 5.15 0.30 6.05
C GLU A 196 4.73 0.41 7.51
N ALA A 197 3.77 1.28 7.83
CA ALA A 197 3.36 1.49 9.23
C ALA A 197 2.79 0.25 9.89
N ILE A 198 2.00 -0.50 9.12
CA ILE A 198 1.37 -1.72 9.58
C ILE A 198 2.45 -2.73 9.82
N GLN A 199 3.29 -2.91 8.81
CA GLN A 199 4.43 -3.82 8.93
C GLN A 199 5.26 -3.53 10.15
N HIS A 200 5.57 -2.26 10.37
CA HIS A 200 6.40 -1.88 11.49
C HIS A 200 5.71 -2.11 12.83
N SER A 201 4.42 -1.86 12.89
CA SER A 201 3.67 -2.11 14.09
C SER A 201 3.53 -3.62 14.36
N MET A 202 3.49 -4.46 13.33
CA MET A 202 3.51 -5.93 13.53
C MET A 202 4.79 -6.34 14.21
N ASP A 203 5.90 -5.84 13.67
CA ASP A 203 7.26 -6.10 14.15
C ASP A 203 7.42 -5.66 15.59
N LEU A 204 6.93 -4.46 15.85
CA LEU A 204 7.00 -3.88 17.17
C LEU A 204 6.19 -4.68 18.20
N TYR A 205 5.02 -5.20 17.80
CA TYR A 205 4.19 -6.03 18.68
C TYR A 205 4.97 -7.27 19.10
N ALA A 206 5.57 -7.92 18.12
CA ALA A 206 6.35 -9.14 18.33
C ALA A 206 7.62 -8.95 19.15
N GLU A 207 8.22 -7.76 19.05
CA GLU A 207 9.38 -7.40 19.84
C GLU A 207 9.02 -7.14 21.29
N TYR A 208 8.01 -6.33 21.53
CA TYR A 208 7.73 -5.83 22.88
C TYR A 208 6.69 -6.61 23.63
N ILE A 209 5.82 -7.32 22.95
CA ILE A 209 4.80 -8.02 23.67
C ILE A 209 5.28 -9.16 24.55
N LEU A 210 6.42 -9.74 24.24
CA LEU A 210 6.86 -10.87 25.04
C LEU A 210 7.11 -10.49 26.50
N HIS A 211 7.66 -9.29 26.68
CA HIS A 211 7.96 -8.78 27.99
C HIS A 211 7.47 -7.34 28.09
N SER B 33 -47.99 30.94 -1.57
CA SER B 33 -48.84 30.01 -2.39
C SER B 33 -49.64 29.03 -1.49
N VAL B 34 -50.46 28.17 -2.12
CA VAL B 34 -51.24 27.12 -1.42
C VAL B 34 -50.38 25.83 -1.42
N ALA B 35 -50.89 24.75 -0.82
CA ALA B 35 -50.22 23.42 -0.88
C ALA B 35 -50.27 22.80 -2.29
N ALA B 36 -49.22 22.03 -2.59
CA ALA B 36 -48.92 21.55 -3.94
C ALA B 36 -49.18 20.05 -4.08
N HIS B 37 -49.92 19.63 -5.12
CA HIS B 37 -49.88 18.25 -5.60
C HIS B 37 -48.52 18.04 -6.29
N PRO B 38 -47.64 17.19 -5.73
CA PRO B 38 -46.24 17.16 -6.21
C PRO B 38 -46.02 16.84 -7.67
N TRP B 39 -46.79 15.91 -8.23
CA TRP B 39 -46.65 15.63 -9.66
C TRP B 39 -46.85 16.84 -10.57
N HIS B 40 -47.88 17.63 -10.28
CA HIS B 40 -48.33 18.70 -11.16
C HIS B 40 -47.78 20.05 -10.81
N ASP B 41 -47.76 20.36 -9.53
CA ASP B 41 -47.49 21.70 -9.05
C ASP B 41 -46.06 21.90 -8.55
N LEU B 42 -45.18 20.92 -8.75
CA LEU B 42 -43.77 21.10 -8.42
C LEU B 42 -43.03 21.25 -9.73
N GLU B 43 -42.30 22.36 -9.88
CA GLU B 43 -41.59 22.60 -11.12
C GLU B 43 -40.51 21.55 -11.29
N ILE B 44 -40.32 21.13 -12.53
CA ILE B 44 -39.24 20.22 -12.84
C ILE B 44 -37.87 20.88 -12.59
N GLY B 45 -37.78 22.20 -12.74
CA GLY B 45 -36.58 22.98 -12.40
C GLY B 45 -35.88 23.64 -13.59
N PRO B 46 -35.10 24.71 -13.33
CA PRO B 46 -34.40 25.48 -14.39
C PRO B 46 -33.39 24.68 -15.25
N GLY B 47 -32.71 23.73 -14.63
CA GLY B 47 -31.66 22.97 -15.30
C GLY B 47 -32.15 21.74 -16.06
N ALA B 48 -33.47 21.54 -16.12
CA ALA B 48 -34.04 20.41 -16.84
C ALA B 48 -33.73 20.53 -18.32
N PRO B 49 -33.55 19.42 -19.06
CA PRO B 49 -33.73 18.05 -18.58
C PRO B 49 -32.52 17.42 -17.90
N ASN B 50 -31.38 18.11 -17.84
CA ASN B 50 -30.13 17.50 -17.33
C ASN B 50 -30.15 17.35 -15.82
N ILE B 51 -30.59 18.42 -15.16
CA ILE B 51 -30.71 18.49 -13.71
C ILE B 51 -32.14 18.89 -13.36
N PHE B 52 -32.81 18.05 -12.59
CA PHE B 52 -34.24 18.15 -12.35
C PHE B 52 -34.60 17.90 -10.89
N ASN B 53 -35.67 18.54 -10.44
CA ASN B 53 -36.30 18.18 -9.18
C ASN B 53 -36.92 16.83 -9.31
N CYS B 54 -37.09 16.19 -8.17
CA CYS B 54 -37.37 14.78 -8.10
C CYS B 54 -38.04 14.49 -6.76
N VAL B 55 -39.21 13.87 -6.79
CA VAL B 55 -39.98 13.57 -5.57
C VAL B 55 -39.70 12.15 -5.12
N VAL B 56 -39.39 11.99 -3.84
CA VAL B 56 -39.01 10.71 -3.32
C VAL B 56 -40.24 10.01 -2.81
N GLU B 57 -40.51 8.83 -3.36
CA GLU B 57 -41.56 7.97 -2.88
C GLU B 57 -41.01 6.97 -1.86
N ILE B 58 -39.82 6.41 -2.11
CA ILE B 58 -39.30 5.31 -1.29
C ILE B 58 -37.86 5.52 -0.81
N THR B 59 -37.64 5.31 0.50
CA THR B 59 -36.31 5.46 1.10
C THR B 59 -35.40 4.28 0.77
N LYS B 60 -34.11 4.56 0.60
CA LYS B 60 -33.07 3.55 0.65
C LYS B 60 -33.28 2.57 1.80
N GLY B 61 -33.24 1.28 1.48
CA GLY B 61 -33.42 0.24 2.47
C GLY B 61 -34.85 -0.06 2.86
N SER B 62 -35.82 0.48 2.15
CA SER B 62 -37.21 0.26 2.51
C SER B 62 -37.74 -0.98 1.83
N LYS B 63 -38.61 -1.71 2.54
CA LYS B 63 -39.38 -2.82 1.99
C LYS B 63 -40.84 -2.40 1.66
N VAL B 64 -41.22 -1.18 2.05
CA VAL B 64 -42.54 -0.64 1.79
C VAL B 64 -42.54 0.02 0.40
N LYS B 65 -43.40 -0.47 -0.49
CA LYS B 65 -43.55 0.18 -1.80
C LYS B 65 -44.56 1.28 -1.66
N TYR B 66 -44.06 2.42 -1.19
CA TYR B 66 -44.83 3.64 -1.22
C TYR B 66 -44.94 4.09 -2.67
N GLU B 67 -46.05 4.72 -2.99
CA GLU B 67 -46.08 5.59 -4.15
C GLU B 67 -47.03 6.71 -3.90
N LEU B 68 -46.89 7.74 -4.73
CA LEU B 68 -47.71 8.93 -4.60
C LEU B 68 -49.07 8.70 -5.27
N ASP B 69 -50.13 8.96 -4.52
CA ASP B 69 -51.50 8.78 -4.99
C ASP B 69 -51.81 9.83 -6.06
N LYS B 70 -52.32 9.37 -7.19
CA LYS B 70 -52.53 10.23 -8.36
C LYS B 70 -53.59 11.28 -8.04
N LYS B 71 -54.65 10.83 -7.38
CA LYS B 71 -55.81 11.66 -7.10
C LYS B 71 -55.59 12.65 -5.95
N THR B 72 -55.12 12.17 -4.80
CA THR B 72 -54.99 13.01 -3.61
C THR B 72 -53.65 13.68 -3.51
N GLY B 73 -52.62 13.10 -4.13
CA GLY B 73 -51.26 13.60 -3.99
C GLY B 73 -50.64 13.28 -2.65
N MET B 74 -51.28 12.40 -1.87
CA MET B 74 -50.74 11.89 -0.62
C MET B 74 -49.86 10.70 -0.92
N ILE B 75 -49.10 10.24 0.09
CA ILE B 75 -48.30 9.03 -0.05
C ILE B 75 -49.12 7.81 0.38
N LYS B 76 -49.13 6.79 -0.48
CA LYS B 76 -49.87 5.56 -0.20
C LYS B 76 -48.90 4.36 -0.14
N VAL B 77 -49.23 3.40 0.71
CA VAL B 77 -48.59 2.13 0.70
C VAL B 77 -49.26 1.37 -0.42
N ASP B 78 -48.59 1.30 -1.57
CA ASP B 78 -49.07 0.44 -2.65
C ASP B 78 -49.06 -1.01 -2.22
N ARG B 79 -47.94 -1.45 -1.67
CA ARG B 79 -47.81 -2.79 -1.10
C ARG B 79 -46.54 -2.90 -0.31
N ILE B 80 -46.47 -3.93 0.54
CA ILE B 80 -45.23 -4.38 1.13
C ILE B 80 -44.66 -5.38 0.16
N LEU B 81 -43.36 -5.30 -0.10
CA LEU B 81 -42.74 -6.17 -1.07
C LEU B 81 -42.84 -7.64 -0.73
N TYR B 82 -42.98 -8.44 -1.79
CA TYR B 82 -43.26 -9.86 -1.65
C TYR B 82 -41.99 -10.70 -1.34
N SER B 83 -40.82 -10.21 -1.70
CA SER B 83 -39.54 -10.85 -1.37
C SER B 83 -38.86 -10.16 -0.17
N SER B 84 -37.85 -10.79 0.42
CA SER B 84 -37.05 -10.14 1.46
C SER B 84 -35.97 -9.28 0.80
N VAL B 85 -36.41 -8.21 0.15
CA VAL B 85 -35.55 -7.31 -0.61
C VAL B 85 -35.82 -5.87 -0.17
N VAL B 86 -34.91 -4.98 -0.53
CA VAL B 86 -35.06 -3.59 -0.16
C VAL B 86 -34.56 -2.73 -1.30
N TYR B 87 -35.07 -1.52 -1.38
CA TYR B 87 -34.65 -0.61 -2.42
C TYR B 87 -33.21 -0.23 -2.15
N PRO B 88 -32.37 -0.40 -3.16
CA PRO B 88 -30.94 -0.14 -2.98
C PRO B 88 -30.62 1.33 -2.85
N HIS B 89 -31.49 2.20 -3.36
CA HIS B 89 -31.34 3.65 -3.19
C HIS B 89 -32.67 4.30 -3.02
N ASN B 90 -32.63 5.57 -2.65
CA ASN B 90 -33.82 6.40 -2.66
C ASN B 90 -34.47 6.38 -4.05
N TYR B 91 -35.79 6.23 -4.09
CA TYR B 91 -36.51 6.05 -5.34
C TYR B 91 -37.72 6.99 -5.41
N GLY B 92 -38.01 7.44 -6.61
CA GLY B 92 -39.17 8.28 -6.82
C GLY B 92 -39.44 8.62 -8.27
N PHE B 93 -39.88 9.86 -8.51
CA PHE B 93 -40.27 10.28 -9.85
C PHE B 93 -40.01 11.76 -10.11
N ILE B 94 -39.93 12.08 -11.39
CA ILE B 94 -39.74 13.44 -11.85
C ILE B 94 -41.11 14.08 -12.09
N PRO B 95 -41.36 15.25 -11.47
CA PRO B 95 -42.65 15.89 -11.67
C PRO B 95 -42.81 16.48 -13.05
N ARG B 96 -44.06 16.56 -13.48
CA ARG B 96 -44.41 17.04 -14.80
C ARG B 96 -43.70 16.27 -15.90
N THR B 97 -43.71 14.96 -15.70
CA THR B 97 -43.30 14.03 -16.73
C THR B 97 -44.40 13.00 -16.89
N LEU B 98 -44.37 12.33 -18.03
CA LEU B 98 -45.34 11.30 -18.33
C LEU B 98 -44.74 10.34 -19.33
N CYS B 99 -45.09 9.06 -19.17
CA CYS B 99 -44.63 8.00 -20.04
C CYS B 99 -45.84 7.28 -20.60
N GLU B 100 -45.60 6.43 -21.61
CA GLU B 100 -46.66 5.64 -22.24
C GLU B 100 -47.42 4.80 -21.22
N ASP B 101 -46.78 4.38 -20.12
CA ASP B 101 -47.49 3.67 -19.04
C ASP B 101 -48.46 4.53 -18.17
N ASN B 102 -48.63 5.81 -18.54
CA ASN B 102 -49.51 6.76 -17.83
C ASN B 102 -49.06 7.24 -16.47
N ASP B 103 -47.81 6.94 -16.13
CA ASP B 103 -47.20 7.34 -14.88
C ASP B 103 -46.02 8.26 -15.19
N PRO B 104 -45.59 9.05 -14.20
CA PRO B 104 -44.38 9.83 -14.39
C PRO B 104 -43.13 8.97 -14.52
N LEU B 105 -42.09 9.58 -15.07
CA LEU B 105 -40.79 8.93 -15.24
C LEU B 105 -40.12 8.67 -13.88
N ASP B 106 -39.78 7.41 -13.61
CA ASP B 106 -39.18 6.99 -12.34
C ASP B 106 -37.66 7.22 -12.26
N VAL B 107 -37.19 7.50 -11.05
CA VAL B 107 -35.77 7.76 -10.80
C VAL B 107 -35.24 7.02 -9.58
N LEU B 108 -34.01 6.55 -9.72
CA LEU B 108 -33.25 6.02 -8.63
C LEU B 108 -32.14 7.01 -8.34
N VAL B 109 -31.96 7.37 -7.06
CA VAL B 109 -31.11 8.50 -6.69
C VAL B 109 -30.04 8.10 -5.70
N LEU B 110 -28.81 8.14 -6.17
CA LEU B 110 -27.65 7.74 -5.40
C LEU B 110 -27.18 8.92 -4.58
N MET B 111 -26.96 8.70 -3.29
CA MET B 111 -26.53 9.75 -2.37
C MET B 111 -26.16 9.15 -1.01
N GLN B 112 -25.33 9.88 -0.27
CA GLN B 112 -24.89 9.51 1.08
C GLN B 112 -26.00 9.06 2.02
N GLU B 113 -27.16 9.69 1.96
CA GLU B 113 -28.15 9.50 3.01
C GLU B 113 -29.51 9.05 2.50
N PRO B 114 -30.24 8.30 3.36
CA PRO B 114 -31.62 7.96 3.07
C PRO B 114 -32.49 9.23 3.20
N VAL B 115 -33.57 9.31 2.43
CA VAL B 115 -34.43 10.51 2.36
C VAL B 115 -35.88 10.07 2.54
N LEU B 116 -36.69 10.94 3.14
CA LEU B 116 -38.08 10.61 3.43
C LEU B 116 -38.97 10.63 2.22
N PRO B 117 -39.98 9.75 2.19
CA PRO B 117 -41.11 9.82 1.29
C PRO B 117 -41.81 11.15 1.38
N GLY B 118 -42.10 11.74 0.23
CA GLY B 118 -42.79 13.02 0.15
C GLY B 118 -41.88 14.21 -0.07
N CYS B 119 -40.60 14.03 0.15
CA CYS B 119 -39.62 15.09 -0.05
C CYS B 119 -39.20 15.14 -1.47
N PHE B 120 -38.73 16.31 -1.90
CA PHE B 120 -38.12 16.42 -3.22
C PHE B 120 -36.69 16.91 -3.06
N LEU B 121 -35.90 16.63 -4.10
CA LEU B 121 -34.50 17.02 -4.13
C LEU B 121 -34.07 17.26 -5.58
N ARG B 122 -32.88 17.79 -5.74
CA ARG B 122 -32.35 18.11 -7.04
C ARG B 122 -31.47 16.96 -7.44
N ALA B 123 -31.59 16.49 -8.68
CA ALA B 123 -30.86 15.32 -9.15
C ALA B 123 -30.31 15.49 -10.57
N ARG B 124 -29.05 15.11 -10.80
CA ARG B 124 -28.51 14.98 -12.17
C ARG B 124 -28.69 13.54 -12.66
N ALA B 125 -29.14 13.38 -13.91
CA ALA B 125 -29.18 12.08 -14.57
C ALA B 125 -27.78 11.64 -14.99
N ILE B 126 -27.43 10.39 -14.73
CA ILE B 126 -26.15 9.85 -15.20
C ILE B 126 -26.28 8.54 -15.97
N GLY B 127 -27.50 8.17 -16.31
CA GLY B 127 -27.73 6.99 -17.12
C GLY B 127 -29.19 6.65 -17.12
N LEU B 128 -29.56 5.74 -18.02
CA LEU B 128 -30.93 5.24 -18.11
C LEU B 128 -30.86 3.73 -18.13
N MET B 129 -31.83 3.12 -17.44
CA MET B 129 -31.93 1.68 -17.25
C MET B 129 -33.13 1.17 -18.05
N PRO B 130 -32.90 0.58 -19.23
CA PRO B 130 -34.04 0.01 -19.97
C PRO B 130 -34.58 -1.26 -19.33
N MET B 131 -35.89 -1.32 -19.16
CA MET B 131 -36.55 -2.50 -18.63
C MET B 131 -37.79 -2.84 -19.42
N ILE B 132 -38.22 -4.09 -19.25
CA ILE B 132 -39.49 -4.59 -19.79
C ILE B 132 -40.25 -5.21 -18.60
N ASP B 133 -41.32 -4.53 -18.18
CA ASP B 133 -42.20 -4.99 -17.10
C ASP B 133 -43.47 -5.69 -17.66
N GLN B 134 -43.40 -7.02 -17.76
CA GLN B 134 -44.47 -7.86 -18.33
C GLN B 134 -44.84 -7.41 -19.73
N GLY B 135 -43.86 -7.48 -20.62
CA GLY B 135 -44.03 -7.07 -22.00
C GLY B 135 -44.08 -5.57 -22.26
N GLU B 136 -44.27 -4.75 -21.22
CA GLU B 136 -44.39 -3.30 -21.38
C GLU B 136 -43.08 -2.62 -21.04
N LYS B 137 -42.68 -1.65 -21.85
CA LYS B 137 -41.42 -0.94 -21.64
C LYS B 137 -41.62 -0.01 -20.45
N ASP B 138 -40.65 0.00 -19.54
CA ASP B 138 -40.72 0.81 -18.32
C ASP B 138 -39.32 1.22 -17.89
N ASP B 139 -38.68 2.00 -18.77
CA ASP B 139 -37.35 2.56 -18.53
C ASP B 139 -37.34 3.52 -17.32
N LYS B 140 -36.25 3.49 -16.55
CA LYS B 140 -36.06 4.38 -15.37
C LYS B 140 -34.72 5.10 -15.44
N ILE B 141 -34.64 6.19 -14.70
CA ILE B 141 -33.45 7.03 -14.72
C ILE B 141 -32.58 6.69 -13.52
N ILE B 142 -31.28 6.60 -13.75
CA ILE B 142 -30.34 6.49 -12.65
C ILE B 142 -29.66 7.84 -12.51
N ALA B 143 -29.60 8.32 -11.28
CA ALA B 143 -29.24 9.70 -11.00
C ALA B 143 -28.51 9.85 -9.69
N VAL B 144 -27.94 11.02 -9.49
CA VAL B 144 -27.31 11.41 -8.24
C VAL B 144 -27.98 12.66 -7.72
N CYS B 145 -27.92 12.88 -6.41
CA CYS B 145 -28.37 14.11 -5.82
C CYS B 145 -27.36 15.19 -6.17
N ALA B 146 -27.84 16.33 -6.65
CA ALA B 146 -26.97 17.43 -7.06
C ALA B 146 -26.52 18.31 -5.91
N ASP B 147 -27.13 18.13 -4.74
CA ASP B 147 -26.80 18.94 -3.56
C ASP B 147 -26.05 18.14 -2.49
N ASP B 148 -25.71 16.89 -2.84
CA ASP B 148 -24.90 16.01 -2.02
C ASP B 148 -23.43 16.17 -2.40
N PRO B 149 -22.61 16.70 -1.49
CA PRO B 149 -21.23 17.05 -1.84
C PRO B 149 -20.35 15.89 -2.33
N GLU B 150 -20.66 14.65 -1.95
CA GLU B 150 -19.90 13.53 -2.47
C GLU B 150 -20.37 13.17 -3.85
N TYR B 151 -21.66 12.87 -3.94
CA TYR B 151 -22.22 12.32 -5.18
C TYR B 151 -22.43 13.32 -6.31
N LYS B 152 -22.44 14.62 -6.01
CA LYS B 152 -22.80 15.59 -7.04
C LYS B 152 -21.82 15.61 -8.22
N HIS B 153 -20.56 15.21 -8.04
CA HIS B 153 -19.57 15.29 -9.13
C HIS B 153 -19.55 14.10 -10.10
N TYR B 154 -20.36 13.08 -9.85
CA TYR B 154 -20.58 12.01 -10.82
C TYR B 154 -21.42 12.52 -11.95
N THR B 155 -21.07 12.14 -13.18
CA THR B 155 -21.84 12.48 -14.41
C THR B 155 -22.17 11.33 -15.36
N ASP B 156 -21.61 10.14 -15.14
CA ASP B 156 -21.85 8.95 -15.98
C ASP B 156 -21.95 7.72 -15.05
N PHE B 157 -22.88 6.82 -15.38
CA PHE B 157 -23.02 5.57 -14.65
C PHE B 157 -21.75 4.72 -14.72
N LYS B 158 -20.95 4.88 -15.78
CA LYS B 158 -19.67 4.19 -15.88
C LYS B 158 -18.64 4.62 -14.82
N GLU B 159 -18.82 5.81 -14.24
CA GLU B 159 -17.97 6.28 -13.14
C GLU B 159 -18.22 5.56 -11.82
N LEU B 160 -19.33 4.85 -11.70
CA LEU B 160 -19.68 4.08 -10.51
C LEU B 160 -19.03 2.74 -10.57
N GLN B 161 -18.88 2.12 -9.40
CA GLN B 161 -18.31 0.78 -9.33
C GLN B 161 -19.25 -0.20 -10.04
N PRO B 162 -18.68 -1.12 -10.86
CA PRO B 162 -19.50 -2.09 -11.59
C PRO B 162 -20.46 -2.92 -10.72
N HIS B 163 -20.07 -3.21 -9.47
CA HIS B 163 -20.94 -3.95 -8.59
C HIS B 163 -22.22 -3.19 -8.28
N ARG B 164 -22.10 -1.91 -8.04
CA ARG B 164 -23.26 -1.05 -7.82
C ARG B 164 -24.33 -1.27 -8.92
N LEU B 165 -23.86 -1.36 -10.16
CA LEU B 165 -24.74 -1.57 -11.29
C LEU B 165 -25.30 -2.98 -11.26
N MET B 166 -24.44 -3.97 -11.04
CA MET B 166 -24.87 -5.38 -10.93
C MET B 166 -25.99 -5.49 -9.88
N GLU B 167 -25.84 -4.81 -8.75
CA GLU B 167 -26.82 -4.93 -7.66
C GLU B 167 -28.16 -4.30 -8.01
N ILE B 168 -28.10 -3.14 -8.64
CA ILE B 168 -29.30 -2.43 -9.04
C ILE B 168 -30.08 -3.22 -10.09
N LYS B 169 -29.35 -3.69 -11.09
CA LYS B 169 -29.92 -4.55 -12.12
C LYS B 169 -30.67 -5.71 -11.49
N ARG B 170 -30.02 -6.41 -10.59
CA ARG B 170 -30.62 -7.55 -9.94
C ARG B 170 -31.83 -7.18 -9.12
N PHE B 171 -31.84 -6.02 -8.50
CA PHE B 171 -32.96 -5.62 -7.66
C PHE B 171 -34.23 -5.58 -8.46
N PHE B 172 -34.20 -4.91 -9.60
CA PHE B 172 -35.37 -4.81 -10.47
C PHE B 172 -35.74 -6.16 -11.08
N GLU B 173 -34.72 -6.95 -11.44
CA GLU B 173 -34.97 -8.31 -11.92
C GLU B 173 -35.71 -9.18 -10.91
N ASP B 174 -35.43 -8.99 -9.63
CA ASP B 174 -35.89 -9.90 -8.58
C ASP B 174 -37.05 -9.41 -7.71
N TYR B 175 -37.24 -8.11 -7.56
CA TYR B 175 -38.18 -7.62 -6.53
C TYR B 175 -39.65 -7.95 -6.69
N LYS B 176 -40.09 -8.17 -7.94
CA LYS B 176 -41.46 -8.57 -8.21
C LYS B 176 -41.65 -10.08 -8.48
N LYS B 177 -40.58 -10.87 -8.45
CA LYS B 177 -40.65 -12.33 -8.70
C LYS B 177 -41.72 -13.10 -7.91
N ASN B 178 -41.88 -12.81 -6.62
CA ASN B 178 -42.92 -13.46 -5.81
C ASN B 178 -44.36 -12.99 -6.07
N GLU B 179 -44.52 -11.98 -6.92
CA GLU B 179 -45.81 -11.63 -7.50
C GLU B 179 -46.05 -12.29 -8.87
N ASN B 180 -45.17 -13.21 -9.26
CA ASN B 180 -45.20 -13.89 -10.57
C ASN B 180 -45.16 -12.98 -11.79
N LYS B 181 -44.55 -11.81 -11.62
CA LYS B 181 -44.38 -10.84 -12.70
C LYS B 181 -42.92 -10.86 -13.18
N GLU B 182 -42.71 -11.06 -14.48
CA GLU B 182 -41.36 -11.02 -15.03
C GLU B 182 -40.96 -9.58 -15.35
N VAL B 183 -39.72 -9.25 -14.96
CA VAL B 183 -39.07 -7.98 -15.32
C VAL B 183 -37.69 -8.27 -15.90
N ALA B 184 -37.52 -7.96 -17.18
CA ALA B 184 -36.23 -8.05 -17.87
C ALA B 184 -35.51 -6.70 -17.81
N VAL B 185 -34.20 -6.69 -17.57
CA VAL B 185 -33.41 -5.45 -17.52
C VAL B 185 -32.18 -5.55 -18.41
N ASN B 186 -32.05 -4.62 -19.36
CA ASN B 186 -30.95 -4.62 -20.34
C ASN B 186 -29.81 -3.66 -19.94
N GLU B 187 -28.73 -3.65 -20.73
CA GLU B 187 -27.56 -2.82 -20.43
C GLU B 187 -27.93 -1.36 -20.34
N PHE B 188 -27.40 -0.69 -19.32
CA PHE B 188 -27.64 0.72 -19.05
C PHE B 188 -27.05 1.58 -20.15
N LEU B 189 -27.72 2.68 -20.47
CA LEU B 189 -27.35 3.52 -21.60
C LEU B 189 -26.88 4.88 -21.08
N PRO B 190 -26.14 5.63 -21.90
CA PRO B 190 -25.47 6.81 -21.35
C PRO B 190 -26.40 7.95 -20.98
N PRO B 191 -25.86 9.00 -20.32
CA PRO B 191 -26.66 10.16 -19.93
C PRO B 191 -27.32 10.93 -21.10
N SER B 192 -26.67 10.98 -22.27
CA SER B 192 -27.25 11.59 -23.47
C SER B 192 -28.60 10.95 -23.78
N THR B 193 -28.65 9.62 -23.72
CA THR B 193 -29.90 8.88 -23.91
C THR B 193 -30.91 9.09 -22.78
N ALA B 194 -30.40 9.24 -21.56
CA ALA B 194 -31.27 9.52 -20.40
C ALA B 194 -31.96 10.87 -20.55
N VAL B 195 -31.16 11.88 -20.83
CA VAL B 195 -31.66 13.23 -21.08
C VAL B 195 -32.75 13.26 -22.17
N GLU B 196 -32.55 12.53 -23.26
CA GLU B 196 -33.57 12.38 -24.30
C GLU B 196 -34.89 11.83 -23.76
N ALA B 197 -34.78 10.72 -23.03
CA ALA B 197 -35.96 10.08 -22.44
C ALA B 197 -36.72 10.99 -21.45
N ILE B 198 -35.94 11.79 -20.72
CA ILE B 198 -36.50 12.78 -19.80
C ILE B 198 -37.23 13.85 -20.60
N GLN B 199 -36.54 14.42 -21.58
CA GLN B 199 -37.13 15.42 -22.48
C GLN B 199 -38.42 14.89 -23.10
N HIS B 200 -38.34 13.69 -23.67
CA HIS B 200 -39.49 13.07 -24.28
C HIS B 200 -40.66 12.94 -23.29
N SER B 201 -40.36 12.66 -22.03
CA SER B 201 -41.42 12.53 -21.03
C SER B 201 -41.98 13.87 -20.56
N MET B 202 -41.19 14.94 -20.67
CA MET B 202 -41.68 16.31 -20.43
C MET B 202 -42.61 16.72 -21.53
N ASP B 203 -42.26 16.35 -22.77
CA ASP B 203 -43.11 16.58 -23.94
C ASP B 203 -44.45 15.88 -23.75
N LEU B 204 -44.43 14.58 -23.47
CA LEU B 204 -45.69 13.86 -23.23
C LEU B 204 -46.55 14.47 -22.14
N TYR B 205 -45.94 14.89 -21.04
CA TYR B 205 -46.69 15.52 -19.95
C TYR B 205 -47.36 16.78 -20.47
N ALA B 206 -46.59 17.57 -21.23
CA ALA B 206 -47.10 18.81 -21.80
C ALA B 206 -48.22 18.53 -22.81
N GLU B 207 -47.92 17.67 -23.78
CA GLU B 207 -48.89 17.19 -24.77
C GLU B 207 -50.22 16.79 -24.09
N TYR B 208 -50.14 16.19 -22.91
CA TYR B 208 -51.33 15.83 -22.13
C TYR B 208 -52.03 17.05 -21.50
N ILE B 209 -51.25 17.99 -20.98
CA ILE B 209 -51.80 19.23 -20.38
C ILE B 209 -52.51 20.11 -21.43
N LEU B 210 -52.02 20.08 -22.67
CA LEU B 210 -52.73 20.65 -23.82
C LEU B 210 -54.04 19.93 -24.09
N HIS B 211 -54.01 18.60 -24.14
CA HIS B 211 -55.23 17.84 -24.35
C HIS B 211 -56.28 18.02 -23.20
N THR B 212 -55.96 18.78 -22.15
CA THR B 212 -56.93 19.29 -21.15
C THR B 212 -57.82 20.48 -21.58
N LEU B 213 -57.59 21.08 -22.75
CA LEU B 213 -58.21 22.39 -23.10
C LEU B 213 -59.39 22.32 -24.08
N ALA C 36 20.22 -25.95 24.83
CA ALA C 36 18.92 -25.61 24.14
C ALA C 36 18.89 -26.08 22.67
N HIS C 37 18.21 -27.21 22.39
CA HIS C 37 18.00 -27.69 20.98
C HIS C 37 17.08 -26.74 20.17
N PRO C 38 17.64 -26.09 19.11
CA PRO C 38 16.92 -25.01 18.41
C PRO C 38 15.54 -25.37 17.87
N TRP C 39 15.40 -26.49 17.17
CA TRP C 39 14.09 -26.95 16.71
C TRP C 39 13.00 -26.97 17.79
N HIS C 40 13.30 -27.44 18.99
CA HIS C 40 12.24 -27.62 20.01
C HIS C 40 12.21 -26.57 21.06
N ASP C 41 13.37 -26.05 21.43
CA ASP C 41 13.47 -25.14 22.58
C ASP C 41 13.41 -23.66 22.23
N LEU C 42 13.57 -23.34 20.94
CA LEU C 42 13.39 -21.97 20.49
C LEU C 42 11.93 -21.75 20.12
N GLU C 43 11.32 -20.77 20.78
CA GLU C 43 9.95 -20.40 20.47
C GLU C 43 9.85 -19.85 19.04
N ILE C 44 8.71 -20.05 18.42
CA ILE C 44 8.51 -19.53 17.08
C ILE C 44 8.33 -18.01 17.06
N GLY C 45 7.79 -17.47 18.13
CA GLY C 45 7.68 -16.03 18.30
C GLY C 45 6.23 -15.62 18.38
N PRO C 46 5.94 -14.56 19.14
CA PRO C 46 4.56 -14.16 19.37
C PRO C 46 3.83 -13.56 18.17
N GLY C 47 4.56 -13.17 17.14
CA GLY C 47 3.89 -12.67 15.93
C GLY C 47 3.67 -13.68 14.85
N ALA C 48 3.93 -14.95 15.16
CA ALA C 48 3.82 -16.02 14.18
C ALA C 48 2.35 -16.27 13.87
N PRO C 49 2.01 -16.62 12.62
CA PRO C 49 2.95 -17.00 11.57
C PRO C 49 3.48 -15.86 10.75
N ASN C 50 3.02 -14.66 11.01
CA ASN C 50 3.34 -13.53 10.15
C ASN C 50 4.77 -13.01 10.31
N ILE C 51 5.31 -13.10 11.54
CA ILE C 51 6.73 -12.92 11.82
C ILE C 51 7.19 -14.06 12.70
N PHE C 52 8.31 -14.67 12.35
CA PHE C 52 8.76 -15.86 13.02
C PHE C 52 10.26 -15.84 13.19
N ASN C 53 10.71 -16.49 14.27
CA ASN C 53 12.11 -16.77 14.43
C ASN C 53 12.51 -17.85 13.47
N CYS C 54 13.78 -17.85 13.15
CA CYS C 54 14.28 -18.66 12.10
C CYS C 54 15.73 -19.00 12.41
N VAL C 55 16.06 -20.28 12.45
CA VAL C 55 17.42 -20.75 12.76
C VAL C 55 18.17 -20.90 11.45
N VAL C 56 19.34 -20.28 11.35
CA VAL C 56 20.14 -20.38 10.14
C VAL C 56 21.01 -21.63 10.18
N GLU C 57 21.00 -22.37 9.08
CA GLU C 57 21.88 -23.51 8.85
C GLU C 57 22.99 -23.12 7.88
N ILE C 58 22.65 -22.49 6.75
CA ILE C 58 23.62 -22.17 5.73
C ILE C 58 23.82 -20.67 5.59
N THR C 59 25.08 -20.25 5.44
CA THR C 59 25.44 -18.84 5.38
C THR C 59 25.43 -18.33 3.95
N LYS C 60 24.98 -17.08 3.79
CA LYS C 60 25.01 -16.38 2.53
C LYS C 60 26.42 -16.42 1.93
N GLY C 61 26.48 -16.88 0.69
CA GLY C 61 27.70 -16.91 -0.08
C GLY C 61 28.63 -18.05 0.24
N SER C 62 28.24 -18.95 1.14
CA SER C 62 29.13 -19.97 1.65
C SER C 62 29.18 -21.15 0.72
N LYS C 63 30.35 -21.76 0.63
CA LYS C 63 30.55 -22.99 -0.10
C LYS C 63 30.29 -24.21 0.78
N VAL C 64 30.13 -24.01 2.09
CA VAL C 64 29.85 -25.09 3.02
C VAL C 64 28.37 -25.21 3.27
N LYS C 65 27.82 -26.38 2.95
CA LYS C 65 26.44 -26.70 3.22
C LYS C 65 26.34 -27.37 4.58
N TYR C 66 26.16 -26.56 5.62
CA TYR C 66 25.91 -27.08 6.96
C TYR C 66 24.47 -27.52 7.06
N GLU C 67 24.21 -28.36 8.04
CA GLU C 67 22.85 -28.63 8.48
C GLU C 67 22.88 -28.93 9.95
N LEU C 68 21.72 -28.82 10.56
CA LEU C 68 21.60 -29.05 11.97
C LEU C 68 21.32 -30.53 12.20
N ASP C 69 22.19 -31.15 12.97
CA ASP C 69 22.03 -32.55 13.32
C ASP C 69 20.82 -32.65 14.24
N LYS C 70 19.82 -33.43 13.82
CA LYS C 70 18.57 -33.51 14.58
C LYS C 70 18.79 -34.20 15.91
N LYS C 71 19.67 -35.20 15.95
CA LYS C 71 19.98 -35.91 17.20
C LYS C 71 20.69 -35.00 18.21
N THR C 72 21.91 -34.59 17.93
CA THR C 72 22.71 -33.79 18.87
C THR C 72 22.32 -32.33 19.01
N GLY C 73 21.66 -31.76 18.00
CA GLY C 73 21.53 -30.30 17.91
C GLY C 73 22.80 -29.57 17.46
N MET C 74 23.88 -30.29 17.18
CA MET C 74 25.10 -29.68 16.65
C MET C 74 24.97 -29.35 15.16
N ILE C 75 25.92 -28.55 14.67
CA ILE C 75 26.01 -28.20 13.27
C ILE C 75 26.96 -29.19 12.61
N LYS C 76 26.46 -29.89 11.61
CA LYS C 76 27.31 -30.80 10.83
C LYS C 76 27.51 -30.25 9.42
N VAL C 77 28.66 -30.57 8.85
CA VAL C 77 28.92 -30.35 7.45
C VAL C 77 28.21 -31.45 6.70
N ASP C 78 27.20 -31.08 5.91
CA ASP C 78 26.54 -32.03 5.04
C ASP C 78 27.42 -32.29 3.83
N ARG C 79 27.72 -31.26 3.04
CA ARG C 79 28.74 -31.36 2.00
C ARG C 79 29.37 -30.02 1.62
N ILE C 80 30.41 -30.09 0.81
CA ILE C 80 31.06 -28.93 0.22
C ILE C 80 30.61 -28.76 -1.22
N LEU C 81 30.33 -27.53 -1.61
CA LEU C 81 29.83 -27.20 -2.95
C LEU C 81 30.98 -26.77 -3.83
N TYR C 82 30.83 -26.94 -5.15
CA TYR C 82 31.67 -26.19 -6.10
C TYR C 82 31.08 -24.74 -6.36
N SER C 83 31.92 -23.83 -6.86
CA SER C 83 31.65 -22.36 -6.92
C SER C 83 30.28 -21.85 -7.48
N SER C 84 29.74 -22.61 -8.42
CA SER C 84 28.49 -22.27 -9.13
C SER C 84 27.28 -22.19 -8.20
N VAL C 85 27.14 -23.20 -7.33
CA VAL C 85 25.88 -23.48 -6.66
C VAL C 85 25.72 -22.72 -5.31
N VAL C 86 26.58 -21.72 -5.01
CA VAL C 86 26.61 -21.06 -3.67
C VAL C 86 25.27 -20.47 -3.26
N TYR C 87 25.07 -20.39 -1.96
CA TYR C 87 23.81 -19.98 -1.44
C TYR C 87 23.75 -18.44 -1.54
N PRO C 88 22.75 -17.90 -2.24
CA PRO C 88 22.65 -16.45 -2.43
C PRO C 88 22.18 -15.67 -1.20
N HIS C 89 21.57 -16.36 -0.24
CA HIS C 89 21.06 -15.75 0.96
C HIS C 89 21.21 -16.77 2.05
N ASN C 90 21.03 -16.37 3.30
CA ASN C 90 21.10 -17.32 4.41
C ASN C 90 19.90 -18.26 4.35
N TYR C 91 20.07 -19.48 4.81
CA TYR C 91 19.05 -20.52 4.66
C TYR C 91 18.98 -21.31 5.94
N GLY C 92 17.79 -21.76 6.30
CA GLY C 92 17.57 -22.35 7.61
C GLY C 92 16.17 -22.91 7.77
N PHE C 93 15.69 -22.94 9.01
CA PHE C 93 14.37 -23.51 9.30
C PHE C 93 13.64 -22.75 10.41
N ILE C 94 12.36 -23.01 10.50
CA ILE C 94 11.52 -22.37 11.48
C ILE C 94 11.35 -23.35 12.62
N PRO C 95 11.75 -22.95 13.82
CA PRO C 95 11.53 -23.85 14.91
C PRO C 95 10.05 -24.09 15.14
N ARG C 96 9.77 -25.24 15.77
CA ARG C 96 8.42 -25.68 16.12
C ARG C 96 7.49 -25.69 14.94
N THR C 97 8.02 -26.14 13.82
CA THR C 97 7.22 -26.41 12.65
C THR C 97 7.47 -27.86 12.25
N LEU C 98 6.50 -28.43 11.57
CA LEU C 98 6.61 -29.77 11.07
C LEU C 98 5.89 -29.89 9.75
N CYS C 99 6.50 -30.62 8.82
CA CYS C 99 5.91 -30.83 7.51
C CYS C 99 5.60 -32.28 7.30
N GLU C 100 4.94 -32.53 6.17
CA GLU C 100 4.72 -33.86 5.63
C GLU C 100 5.93 -34.76 5.77
N ASP C 101 7.13 -34.23 5.48
CA ASP C 101 8.36 -35.04 5.50
C ASP C 101 9.11 -35.18 6.84
N ASN C 102 8.41 -35.03 7.98
CA ASN C 102 9.03 -35.09 9.35
C ASN C 102 10.15 -34.09 9.65
N ASP C 103 10.27 -33.07 8.82
CA ASP C 103 11.32 -32.06 8.95
C ASP C 103 10.63 -30.74 9.23
N PRO C 104 11.32 -29.82 9.93
CA PRO C 104 10.79 -28.48 10.04
C PRO C 104 10.74 -27.77 8.68
N LEU C 105 10.02 -26.64 8.66
CA LEU C 105 9.79 -25.90 7.43
C LEU C 105 11.03 -25.08 7.07
N ASP C 106 11.52 -25.25 5.84
CA ASP C 106 12.74 -24.57 5.39
C ASP C 106 12.48 -23.12 4.92
N VAL C 107 13.47 -22.26 5.10
CA VAL C 107 13.39 -20.84 4.72
C VAL C 107 14.65 -20.29 4.08
N LEU C 108 14.45 -19.57 2.97
CA LEU C 108 15.49 -18.75 2.39
C LEU C 108 15.26 -17.33 2.88
N VAL C 109 16.21 -16.80 3.64
CA VAL C 109 16.07 -15.50 4.27
C VAL C 109 16.90 -14.46 3.56
N LEU C 110 16.22 -13.54 2.91
CA LEU C 110 16.88 -12.49 2.15
C LEU C 110 17.42 -11.41 3.08
N MET C 111 18.71 -11.13 2.94
CA MET C 111 19.37 -10.09 3.72
C MET C 111 20.70 -9.75 3.11
N GLN C 112 21.23 -8.56 3.43
CA GLN C 112 22.56 -8.11 3.02
C GLN C 112 23.64 -8.96 3.59
N GLU C 113 23.52 -9.29 4.88
CA GLU C 113 24.66 -9.84 5.57
C GLU C 113 24.63 -11.33 5.73
N PRO C 114 25.79 -11.96 5.53
CA PRO C 114 25.91 -13.35 5.96
C PRO C 114 25.87 -13.45 7.47
N VAL C 115 25.33 -14.58 7.93
CA VAL C 115 24.96 -14.80 9.31
C VAL C 115 25.38 -16.22 9.70
N LEU C 116 25.74 -16.41 10.96
CA LEU C 116 26.35 -17.67 11.35
C LEU C 116 25.40 -18.82 11.53
N PRO C 117 25.80 -19.99 11.07
CA PRO C 117 25.03 -21.19 11.35
C PRO C 117 24.79 -21.36 12.83
N GLY C 118 23.57 -21.77 13.19
CA GLY C 118 23.21 -22.02 14.57
C GLY C 118 22.68 -20.80 15.29
N CYS C 119 22.79 -19.63 14.69
CA CYS C 119 22.20 -18.46 15.29
C CYS C 119 20.74 -18.34 14.79
N PHE C 120 19.94 -17.46 15.39
CA PHE C 120 18.59 -17.21 14.82
C PHE C 120 18.26 -15.75 14.64
N LEU C 121 17.20 -15.51 13.88
CA LEU C 121 16.76 -14.19 13.51
C LEU C 121 15.24 -14.13 13.31
N ARG C 122 14.72 -12.92 13.13
CA ARG C 122 13.31 -12.69 12.86
C ARG C 122 13.14 -12.50 11.39
N ALA C 123 12.14 -13.17 10.83
CA ALA C 123 11.86 -13.07 9.41
C ALA C 123 10.36 -13.07 9.11
N ARG C 124 10.05 -12.70 7.86
CA ARG C 124 8.68 -12.59 7.37
C ARG C 124 8.59 -13.14 5.96
N ALA C 125 7.60 -14.00 5.71
CA ALA C 125 7.41 -14.58 4.38
C ALA C 125 7.07 -13.51 3.34
N ILE C 126 7.64 -13.65 2.16
CA ILE C 126 7.19 -12.91 0.97
C ILE C 126 6.88 -13.81 -0.21
N GLY C 127 6.82 -15.11 0.00
CA GLY C 127 6.55 -16.03 -1.08
C GLY C 127 6.78 -17.45 -0.65
N LEU C 128 6.48 -18.37 -1.57
CA LEU C 128 6.69 -19.78 -1.36
C LEU C 128 7.14 -20.44 -2.65
N MET C 129 8.15 -21.30 -2.57
CA MET C 129 8.60 -22.13 -3.68
C MET C 129 8.12 -23.55 -3.45
N PRO C 130 7.11 -23.99 -4.22
CA PRO C 130 6.58 -25.34 -3.96
C PRO C 130 7.43 -26.39 -4.64
N MET C 131 7.74 -27.49 -3.93
CA MET C 131 8.54 -28.56 -4.52
C MET C 131 7.95 -29.91 -4.18
N ILE C 132 8.20 -30.88 -5.05
CA ILE C 132 7.63 -32.21 -4.96
C ILE C 132 8.81 -33.15 -4.80
N ASP C 133 8.90 -33.83 -3.65
CA ASP C 133 9.96 -34.84 -3.40
C ASP C 133 9.41 -36.27 -3.54
N GLN C 134 9.29 -36.72 -4.79
CA GLN C 134 8.84 -38.07 -5.10
C GLN C 134 7.44 -38.32 -4.49
N GLY C 135 6.44 -37.58 -4.99
CA GLY C 135 5.05 -37.72 -4.52
C GLY C 135 4.70 -36.89 -3.29
N GLU C 136 5.66 -36.74 -2.36
CA GLU C 136 5.52 -35.85 -1.18
C GLU C 136 5.79 -34.37 -1.49
N LYS C 137 5.24 -33.51 -0.64
CA LYS C 137 5.36 -32.06 -0.82
C LYS C 137 6.47 -31.49 0.08
N ASP C 138 7.31 -30.64 -0.51
CA ASP C 138 8.46 -30.02 0.18
C ASP C 138 8.56 -28.50 -0.12
N ASP C 139 7.68 -27.74 0.52
CA ASP C 139 7.56 -26.30 0.30
C ASP C 139 8.71 -25.56 0.97
N LYS C 140 9.12 -24.45 0.37
CA LYS C 140 10.22 -23.64 0.92
C LYS C 140 9.78 -22.21 0.99
N ILE C 141 9.98 -21.58 2.13
CA ILE C 141 9.52 -20.23 2.36
C ILE C 141 10.57 -19.26 1.86
N ILE C 142 10.14 -18.28 1.09
CA ILE C 142 11.00 -17.15 0.73
C ILE C 142 10.61 -16.03 1.68
N ALA C 143 11.59 -15.52 2.41
CA ALA C 143 11.37 -14.54 3.45
C ALA C 143 12.42 -13.46 3.46
N VAL C 144 12.18 -12.44 4.28
CA VAL C 144 13.13 -11.34 4.52
C VAL C 144 13.41 -11.23 5.99
N CYS C 145 14.64 -10.87 6.37
CA CYS C 145 14.93 -10.63 7.77
C CYS C 145 14.23 -9.36 8.13
N ALA C 146 13.47 -9.42 9.21
CA ALA C 146 12.68 -8.29 9.67
C ALA C 146 13.56 -7.16 10.19
N ASP C 147 14.82 -7.45 10.49
CA ASP C 147 15.70 -6.48 11.08
C ASP C 147 16.85 -6.10 10.16
N ASP C 148 16.82 -6.49 8.88
CA ASP C 148 17.78 -5.99 7.88
C ASP C 148 17.13 -4.86 7.11
N PRO C 149 17.59 -3.62 7.30
CA PRO C 149 16.96 -2.48 6.62
C PRO C 149 16.92 -2.55 5.10
N GLU C 150 17.85 -3.28 4.49
CA GLU C 150 17.87 -3.44 3.04
C GLU C 150 16.65 -4.21 2.55
N TYR C 151 16.38 -5.36 3.15
CA TYR C 151 15.25 -6.19 2.72
C TYR C 151 13.97 -6.17 3.59
N LYS C 152 13.99 -5.55 4.77
CA LYS C 152 12.85 -5.71 5.70
C LYS C 152 11.57 -5.10 5.21
N HIS C 153 11.68 -4.19 4.26
CA HIS C 153 10.50 -3.50 3.77
C HIS C 153 9.68 -4.27 2.74
N TYR C 154 10.21 -5.37 2.20
CA TYR C 154 9.48 -6.14 1.20
C TYR C 154 8.32 -6.92 1.80
N THR C 155 7.24 -7.03 1.03
CA THR C 155 6.04 -7.79 1.41
C THR C 155 5.68 -8.92 0.44
N ASP C 156 6.22 -8.90 -0.79
CA ASP C 156 5.87 -9.82 -1.85
C ASP C 156 7.10 -10.01 -2.73
N PHE C 157 7.42 -11.24 -3.09
CA PHE C 157 8.50 -11.49 -4.06
C PHE C 157 8.38 -10.72 -5.39
N LYS C 158 7.15 -10.40 -5.79
CA LYS C 158 6.93 -9.60 -6.98
C LYS C 158 7.54 -8.22 -6.89
N GLU C 159 7.72 -7.70 -5.67
CA GLU C 159 8.41 -6.42 -5.50
C GLU C 159 9.89 -6.48 -5.82
N LEU C 160 10.48 -7.65 -5.84
CA LEU C 160 11.92 -7.75 -6.06
C LEU C 160 12.26 -7.42 -7.50
N GLN C 161 13.45 -6.87 -7.69
CA GLN C 161 13.97 -6.59 -9.01
C GLN C 161 14.30 -7.90 -9.73
N PRO C 162 14.22 -7.91 -11.07
CA PRO C 162 14.44 -9.14 -11.85
C PRO C 162 15.72 -9.90 -11.54
N HIS C 163 16.82 -9.16 -11.40
CA HIS C 163 18.12 -9.76 -11.05
C HIS C 163 18.13 -10.51 -9.70
N ARG C 164 17.46 -9.94 -8.69
CA ARG C 164 17.27 -10.62 -7.39
C ARG C 164 16.42 -11.87 -7.58
N LEU C 165 15.36 -11.75 -8.35
CA LEU C 165 14.45 -12.87 -8.60
C LEU C 165 15.13 -14.02 -9.28
N MET C 166 15.86 -13.72 -10.37
CA MET C 166 16.54 -14.75 -11.15
C MET C 166 17.58 -15.45 -10.27
N GLU C 167 18.26 -14.66 -9.44
CA GLU C 167 19.24 -15.18 -8.45
C GLU C 167 18.66 -16.29 -7.57
N ILE C 168 17.41 -16.08 -7.12
CA ILE C 168 16.70 -17.01 -6.27
C ILE C 168 16.13 -18.16 -7.09
N LYS C 169 15.50 -17.84 -8.22
CA LYS C 169 14.98 -18.85 -9.16
C LYS C 169 16.08 -19.89 -9.44
N ARG C 170 17.25 -19.42 -9.85
CA ARG C 170 18.39 -20.29 -10.25
C ARG C 170 18.97 -21.09 -9.11
N PHE C 171 18.90 -20.52 -7.92
CA PHE C 171 19.28 -21.25 -6.72
C PHE C 171 18.39 -22.45 -6.56
N PHE C 172 17.08 -22.20 -6.63
CA PHE C 172 16.09 -23.26 -6.48
C PHE C 172 16.14 -24.26 -7.64
N GLU C 173 16.48 -23.81 -8.84
CA GLU C 173 16.74 -24.72 -9.97
C GLU C 173 17.92 -25.65 -9.67
N ASP C 174 19.03 -25.12 -9.16
CA ASP C 174 20.22 -25.94 -8.78
C ASP C 174 20.05 -26.65 -7.43
N TYR C 175 19.03 -26.25 -6.66
CA TYR C 175 18.62 -26.98 -5.47
C TYR C 175 17.78 -28.19 -5.90
N LYS C 176 16.82 -27.96 -6.81
CA LYS C 176 15.97 -29.03 -7.37
C LYS C 176 16.82 -30.20 -7.88
N LYS C 177 17.79 -29.89 -8.75
CA LYS C 177 18.60 -30.92 -9.42
C LYS C 177 19.54 -31.69 -8.47
N ASN C 178 20.07 -31.00 -7.45
CA ASN C 178 20.94 -31.61 -6.40
C ASN C 178 20.24 -32.51 -5.36
N GLU C 179 18.94 -32.36 -5.25
CA GLU C 179 18.15 -33.23 -4.43
C GLU C 179 17.32 -34.01 -5.45
N ASN C 180 16.07 -34.33 -5.16
CA ASN C 180 15.32 -35.07 -6.18
C ASN C 180 13.92 -34.58 -6.44
N LYS C 181 13.78 -33.42 -7.06
CA LYS C 181 12.43 -32.92 -7.30
C LYS C 181 12.15 -32.58 -8.74
N ASN C 186 9.42 -24.43 -10.10
CA ASN C 186 9.00 -23.63 -11.27
C ASN C 186 8.38 -22.25 -10.92
N GLU C 187 7.29 -22.22 -10.12
CA GLU C 187 6.47 -21.01 -9.97
C GLU C 187 6.17 -20.57 -8.55
N PHE C 188 6.61 -19.36 -8.19
CA PHE C 188 6.51 -18.88 -6.81
C PHE C 188 5.10 -18.53 -6.41
N LEU C 189 4.69 -19.03 -5.25
CA LEU C 189 3.37 -18.75 -4.75
C LEU C 189 3.40 -17.52 -3.85
N PRO C 190 2.25 -16.83 -3.74
CA PRO C 190 2.25 -15.57 -2.99
C PRO C 190 2.46 -15.68 -1.47
N PRO C 191 2.68 -14.53 -0.83
CA PRO C 191 2.87 -14.47 0.60
C PRO C 191 1.76 -15.15 1.39
N SER C 192 0.51 -14.94 1.03
CA SER C 192 -0.57 -15.55 1.80
C SER C 192 -0.47 -17.08 1.81
N THR C 193 -0.09 -17.67 0.68
CA THR C 193 0.11 -19.13 0.63
C THR C 193 1.24 -19.59 1.56
N ALA C 194 2.31 -18.79 1.61
CA ALA C 194 3.42 -19.05 2.52
C ALA C 194 3.00 -18.98 3.96
N VAL C 195 2.26 -17.95 4.30
CA VAL C 195 1.82 -17.80 5.66
C VAL C 195 0.87 -18.94 6.07
N GLU C 196 0.01 -19.37 5.14
CA GLU C 196 -0.87 -20.51 5.39
C GLU C 196 -0.03 -21.75 5.63
N ALA C 197 0.98 -21.95 4.78
CA ALA C 197 1.89 -23.08 4.93
C ALA C 197 2.62 -23.10 6.29
N ILE C 198 3.04 -21.92 6.73
CA ILE C 198 3.70 -21.77 8.02
C ILE C 198 2.75 -22.14 9.15
N GLN C 199 1.53 -21.61 9.09
CA GLN C 199 0.52 -21.96 10.08
C GLN C 199 0.26 -23.45 10.10
N HIS C 200 0.13 -24.06 8.93
CA HIS C 200 -0.20 -25.46 8.87
C HIS C 200 0.87 -26.30 9.58
N SER C 201 2.12 -25.93 9.33
CA SER C 201 3.25 -26.60 9.95
C SER C 201 3.41 -26.26 11.43
N MET C 202 2.97 -25.08 11.84
CA MET C 202 2.91 -24.78 13.27
C MET C 202 1.97 -25.75 14.00
N ASP C 203 0.85 -26.04 13.34
CA ASP C 203 -0.19 -26.90 13.86
C ASP C 203 0.28 -28.33 13.92
N LEU C 204 0.77 -28.84 12.79
CA LEU C 204 1.36 -30.19 12.79
C LEU C 204 2.36 -30.38 13.91
N TYR C 205 3.21 -29.38 14.17
CA TYR C 205 4.16 -29.51 15.25
C TYR C 205 3.41 -29.54 16.56
N ALA C 206 2.47 -28.63 16.75
CA ALA C 206 1.72 -28.56 18.01
C ALA C 206 0.93 -29.83 18.23
N GLU C 207 0.38 -30.41 17.17
CA GLU C 207 -0.34 -31.65 17.29
C GLU C 207 0.64 -32.74 17.68
N TYR C 208 1.50 -33.15 16.74
CA TYR C 208 2.31 -34.32 16.95
C TYR C 208 3.29 -34.14 18.10
N ILE C 209 4.32 -33.36 17.84
CA ILE C 209 5.46 -33.29 18.75
C ILE C 209 5.09 -32.71 20.15
N LEU C 210 4.02 -31.97 20.23
CA LEU C 210 3.63 -31.47 21.51
C LEU C 210 2.58 -32.32 22.19
N HIS C 211 1.41 -32.42 21.59
CA HIS C 211 0.33 -33.18 22.20
C HIS C 211 0.54 -34.67 22.38
N THR C 212 1.12 -35.33 21.40
CA THR C 212 1.32 -36.76 21.55
C THR C 212 2.80 -37.10 21.71
N ALA D 36 47.86 5.55 -20.75
CA ALA D 36 46.78 6.55 -20.47
C ALA D 36 46.78 7.00 -18.99
N HIS D 37 47.30 8.23 -18.74
CA HIS D 37 47.10 8.92 -17.44
C HIS D 37 45.59 9.25 -17.26
N PRO D 38 44.89 8.58 -16.33
CA PRO D 38 43.42 8.59 -16.34
C PRO D 38 42.74 9.95 -16.34
N TRP D 39 43.30 10.93 -15.65
CA TRP D 39 42.71 12.28 -15.63
C TRP D 39 42.64 12.97 -17.02
N HIS D 40 43.73 12.89 -17.77
CA HIS D 40 43.88 13.60 -19.03
C HIS D 40 43.49 12.76 -20.24
N ASP D 41 43.85 11.49 -20.18
CA ASP D 41 43.79 10.61 -21.33
C ASP D 41 42.53 9.73 -21.42
N LEU D 42 41.69 9.74 -20.38
CA LEU D 42 40.41 9.01 -20.41
C LEU D 42 39.30 9.98 -20.75
N GLU D 43 38.49 9.62 -21.74
CA GLU D 43 37.39 10.48 -22.12
C GLU D 43 36.37 10.50 -21.00
N ILE D 44 35.81 11.66 -20.76
CA ILE D 44 34.64 11.82 -19.90
C ILE D 44 33.43 11.06 -20.46
N GLY D 45 33.34 10.89 -21.77
CA GLY D 45 32.34 10.01 -22.40
C GLY D 45 31.24 10.75 -23.15
N PRO D 46 30.60 10.07 -24.12
CA PRO D 46 29.58 10.73 -24.96
C PRO D 46 28.38 11.25 -24.16
N GLY D 47 27.94 10.54 -23.12
CA GLY D 47 26.76 10.96 -22.35
C GLY D 47 26.89 12.20 -21.47
N ALA D 48 28.13 12.66 -21.24
CA ALA D 48 28.41 13.76 -20.30
C ALA D 48 27.69 15.06 -20.65
N PRO D 49 27.27 15.87 -19.67
CA PRO D 49 27.57 15.73 -18.23
C PRO D 49 26.61 14.81 -17.42
N ASN D 50 25.76 14.04 -18.09
CA ASN D 50 24.70 13.27 -17.42
C ASN D 50 25.20 11.90 -17.03
N ILE D 51 25.69 11.16 -18.02
CA ILE D 51 26.29 9.85 -17.84
C ILE D 51 27.74 9.94 -18.26
N PHE D 52 28.62 9.81 -17.27
CA PHE D 52 30.03 10.10 -17.45
C PHE D 52 30.89 8.99 -16.90
N ASN D 53 32.09 8.87 -17.45
CA ASN D 53 33.09 7.96 -16.89
C ASN D 53 33.66 8.50 -15.62
N CYS D 54 34.20 7.59 -14.83
CA CYS D 54 34.57 7.90 -13.49
C CYS D 54 35.64 6.93 -13.03
N VAL D 55 36.76 7.47 -12.58
CA VAL D 55 37.90 6.68 -12.12
C VAL D 55 37.82 6.55 -10.61
N VAL D 56 38.05 5.34 -10.10
CA VAL D 56 37.94 5.06 -8.69
C VAL D 56 39.31 5.14 -8.02
N GLU D 57 39.38 5.91 -6.93
CA GLU D 57 40.55 6.00 -6.09
C GLU D 57 40.39 5.14 -4.83
N ILE D 58 39.23 5.22 -4.18
CA ILE D 58 39.01 4.53 -2.90
C ILE D 58 37.93 3.46 -3.03
N THR D 59 38.27 2.26 -2.60
CA THR D 59 37.36 1.14 -2.66
C THR D 59 36.33 1.18 -1.53
N LYS D 60 35.13 0.70 -1.83
CA LYS D 60 34.03 0.55 -0.88
C LYS D 60 34.51 -0.20 0.35
N GLY D 61 34.39 0.44 1.52
CA GLY D 61 34.74 -0.16 2.80
C GLY D 61 36.22 -0.30 3.10
N SER D 62 37.09 0.20 2.23
CA SER D 62 38.51 -0.05 2.38
C SER D 62 39.10 0.90 3.40
N LYS D 63 40.06 0.35 4.13
CA LYS D 63 40.81 1.09 5.13
C LYS D 63 42.04 1.82 4.54
N VAL D 64 42.36 1.53 3.27
CA VAL D 64 43.43 2.22 2.55
C VAL D 64 42.86 3.37 1.71
N LYS D 65 43.29 4.59 2.00
CA LYS D 65 42.96 5.78 1.19
C LYS D 65 44.02 5.96 0.11
N TYR D 66 43.77 5.34 -1.04
CA TYR D 66 44.61 5.51 -2.20
C TYR D 66 44.22 6.83 -2.86
N GLU D 67 45.20 7.47 -3.51
CA GLU D 67 44.90 8.53 -4.44
C GLU D 67 45.69 8.28 -5.71
N LEU D 68 45.27 8.93 -6.79
CA LEU D 68 45.97 8.83 -8.04
C LEU D 68 47.05 9.91 -8.08
N ASP D 69 48.30 9.51 -8.30
CA ASP D 69 49.41 10.46 -8.29
C ASP D 69 49.35 11.28 -9.55
N LYS D 70 49.11 12.59 -9.39
CA LYS D 70 49.00 13.52 -10.52
C LYS D 70 50.24 13.44 -11.41
N LYS D 71 51.43 13.48 -10.82
CA LYS D 71 52.67 13.39 -11.61
C LYS D 71 52.75 12.07 -12.42
N THR D 72 52.90 10.92 -11.78
CA THR D 72 53.11 9.65 -12.49
C THR D 72 51.87 8.96 -13.04
N GLY D 73 50.70 9.38 -12.60
CA GLY D 73 49.48 8.66 -12.95
C GLY D 73 49.30 7.29 -12.29
N MET D 74 50.25 6.89 -11.44
CA MET D 74 50.14 5.65 -10.67
C MET D 74 49.21 5.84 -9.47
N ILE D 75 48.93 4.74 -8.79
CA ILE D 75 48.19 4.79 -7.54
C ILE D 75 49.16 4.85 -6.37
N LYS D 76 48.87 5.72 -5.41
CA LYS D 76 49.68 5.79 -4.21
C LYS D 76 48.79 5.70 -2.97
N VAL D 77 49.38 5.20 -1.89
CA VAL D 77 48.74 5.22 -0.60
C VAL D 77 48.88 6.62 -0.07
N ASP D 78 47.75 7.34 0.04
CA ASP D 78 47.76 8.66 0.65
C ASP D 78 47.89 8.54 2.15
N ARG D 79 46.96 7.79 2.75
CA ARG D 79 47.01 7.45 4.19
C ARG D 79 46.16 6.23 4.56
N ILE D 80 46.52 5.61 5.68
CA ILE D 80 45.75 4.51 6.28
C ILE D 80 44.66 5.10 7.19
N LEU D 81 43.47 4.50 7.13
CA LEU D 81 42.29 4.93 7.90
C LEU D 81 41.98 3.93 9.00
N TYR D 82 41.09 4.33 9.92
CA TYR D 82 40.87 3.55 11.14
C TYR D 82 39.50 2.88 11.33
N SER D 83 38.81 2.51 10.24
CA SER D 83 37.56 1.68 10.29
C SER D 83 36.23 2.42 10.65
N SER D 84 36.30 3.49 11.46
CA SER D 84 35.18 4.44 11.67
C SER D 84 34.91 5.25 10.40
N VAL D 85 36.00 5.63 9.75
CA VAL D 85 35.99 6.64 8.69
C VAL D 85 36.08 6.03 7.29
N VAL D 86 35.77 4.73 7.15
CA VAL D 86 35.74 4.05 5.83
C VAL D 86 34.70 4.62 4.88
N TYR D 87 34.95 4.40 3.60
CA TYR D 87 34.07 4.87 2.56
C TYR D 87 32.96 3.83 2.38
N PRO D 88 31.69 4.29 2.44
CA PRO D 88 30.55 3.38 2.29
C PRO D 88 30.33 2.87 0.87
N HIS D 89 30.82 3.63 -0.10
CA HIS D 89 30.75 3.29 -1.50
C HIS D 89 32.06 3.64 -2.17
N ASN D 90 32.23 3.14 -3.40
CA ASN D 90 33.41 3.47 -4.17
C ASN D 90 33.45 4.96 -4.42
N TYR D 91 34.65 5.52 -4.36
CA TYR D 91 34.86 6.96 -4.43
C TYR D 91 36.02 7.24 -5.37
N GLY D 92 35.84 8.26 -6.21
CA GLY D 92 36.90 8.69 -7.13
C GLY D 92 36.69 10.05 -7.71
N PHE D 93 37.11 10.21 -8.97
CA PHE D 93 36.98 11.50 -9.68
C PHE D 93 36.53 11.29 -11.12
N ILE D 94 36.02 12.36 -11.71
CA ILE D 94 35.63 12.38 -13.12
C ILE D 94 36.84 12.90 -13.90
N PRO D 95 37.23 12.20 -14.98
CA PRO D 95 38.35 12.70 -15.78
C PRO D 95 37.95 13.96 -16.56
N ARG D 96 38.97 14.73 -16.94
CA ARG D 96 38.80 15.99 -17.66
C ARG D 96 37.82 16.93 -16.97
N THR D 97 37.99 17.01 -15.65
CA THR D 97 37.32 18.02 -14.85
C THR D 97 38.35 18.74 -14.00
N LEU D 98 37.94 19.91 -13.52
CA LEU D 98 38.78 20.73 -12.68
C LEU D 98 37.91 21.67 -11.86
N CYS D 99 38.24 21.79 -10.57
CA CYS D 99 37.50 22.66 -9.64
C CYS D 99 38.47 23.67 -9.10
N GLU D 100 37.94 24.58 -8.29
CA GLU D 100 38.73 25.67 -7.76
C GLU D 100 39.95 25.23 -6.92
N ASP D 101 39.93 24.02 -6.35
CA ASP D 101 41.10 23.51 -5.61
C ASP D 101 42.22 22.90 -6.48
N ASN D 102 42.16 23.07 -7.80
CA ASN D 102 43.13 22.48 -8.76
C ASN D 102 43.20 20.96 -8.80
N ASP D 103 42.08 20.33 -8.42
CA ASP D 103 41.91 18.89 -8.51
C ASP D 103 40.62 18.58 -9.25
N PRO D 104 40.53 17.35 -9.83
CA PRO D 104 39.30 16.96 -10.52
C PRO D 104 38.11 16.77 -9.59
N LEU D 105 36.92 16.97 -10.13
CA LEU D 105 35.65 16.81 -9.41
C LEU D 105 35.49 15.40 -8.84
N ASP D 106 35.13 15.33 -7.56
CA ASP D 106 35.02 14.06 -6.82
C ASP D 106 33.63 13.46 -6.91
N VAL D 107 33.57 12.12 -6.89
CA VAL D 107 32.31 11.36 -7.02
C VAL D 107 32.26 10.22 -6.02
N LEU D 108 31.08 10.04 -5.43
CA LEU D 108 30.76 8.86 -4.65
C LEU D 108 29.82 8.04 -5.51
N VAL D 109 30.21 6.81 -5.81
CA VAL D 109 29.47 5.96 -6.72
C VAL D 109 28.80 4.82 -5.99
N LEU D 110 27.48 4.87 -5.96
CA LEU D 110 26.69 3.89 -5.27
C LEU D 110 26.60 2.66 -6.13
N MET D 111 26.93 1.54 -5.51
CA MET D 111 26.90 0.25 -6.17
C MET D 111 27.07 -0.84 -5.14
N GLN D 112 26.62 -2.05 -5.49
CA GLN D 112 26.69 -3.19 -4.58
C GLN D 112 28.14 -3.48 -4.23
N GLU D 113 29.00 -3.57 -5.24
CA GLU D 113 30.32 -4.18 -5.09
C GLU D 113 31.50 -3.22 -4.96
N PRO D 114 32.49 -3.62 -4.15
CA PRO D 114 33.73 -2.90 -4.14
C PRO D 114 34.44 -3.10 -5.47
N VAL D 115 35.13 -2.04 -5.89
CA VAL D 115 35.80 -1.94 -7.18
C VAL D 115 37.24 -1.51 -6.96
N LEU D 116 38.13 -1.96 -7.83
CA LEU D 116 39.54 -1.67 -7.68
C LEU D 116 39.94 -0.23 -8.01
N PRO D 117 40.96 0.28 -7.30
CA PRO D 117 41.48 1.58 -7.65
C PRO D 117 42.19 1.53 -8.98
N GLY D 118 41.98 2.57 -9.79
CA GLY D 118 42.57 2.65 -11.13
C GLY D 118 41.65 2.18 -12.24
N CYS D 119 40.44 1.77 -11.86
CA CYS D 119 39.40 1.37 -12.79
C CYS D 119 38.48 2.49 -13.04
N PHE D 120 37.82 2.45 -14.18
CA PHE D 120 36.75 3.40 -14.39
C PHE D 120 35.45 2.68 -14.65
N LEU D 121 34.37 3.43 -14.56
CA LEU D 121 33.03 2.91 -14.77
C LEU D 121 32.12 4.03 -15.24
N ARG D 122 31.02 3.64 -15.84
CA ARG D 122 29.99 4.61 -16.23
C ARG D 122 29.18 4.95 -14.98
N ALA D 123 28.74 6.19 -14.88
CA ALA D 123 28.04 6.66 -13.69
C ALA D 123 27.11 7.80 -14.03
N ARG D 124 25.87 7.73 -13.53
CA ARG D 124 24.91 8.80 -13.67
C ARG D 124 24.81 9.55 -12.34
N ALA D 125 24.97 10.87 -12.41
CA ALA D 125 24.76 11.75 -11.25
C ALA D 125 23.31 11.74 -10.76
N ILE D 126 23.12 11.68 -9.44
CA ILE D 126 21.80 11.82 -8.84
C ILE D 126 21.67 12.92 -7.78
N GLY D 127 22.76 13.61 -7.46
CA GLY D 127 22.71 14.73 -6.52
C GLY D 127 24.11 15.25 -6.20
N LEU D 128 24.18 16.23 -5.30
CA LEU D 128 25.46 16.87 -4.96
C LEU D 128 25.51 17.27 -3.48
N MET D 129 26.58 16.89 -2.76
CA MET D 129 26.84 17.40 -1.40
C MET D 129 27.69 18.66 -1.49
N PRO D 130 27.10 19.83 -1.14
CA PRO D 130 27.90 21.06 -1.10
C PRO D 130 28.85 21.08 0.09
N MET D 131 30.08 21.51 -0.11
CA MET D 131 30.99 21.79 0.98
C MET D 131 31.76 23.04 0.66
N ILE D 132 32.17 23.72 1.71
CA ILE D 132 33.01 24.90 1.58
C ILE D 132 34.24 24.64 2.43
N ASP D 133 35.41 24.73 1.82
CA ASP D 133 36.69 24.47 2.48
C ASP D 133 37.11 25.75 3.23
N GLN D 134 38.41 26.02 3.29
CA GLN D 134 38.91 27.36 3.54
C GLN D 134 38.67 28.18 2.26
N GLY D 135 37.80 29.19 2.34
CA GLY D 135 37.52 30.07 1.20
C GLY D 135 36.59 29.46 0.16
N GLU D 136 37.19 28.83 -0.86
CA GLU D 136 36.45 28.32 -2.04
C GLU D 136 35.60 27.08 -1.72
N LYS D 137 34.65 26.78 -2.59
CA LYS D 137 33.73 25.63 -2.43
C LYS D 137 34.39 24.33 -2.89
N ASP D 138 34.03 23.21 -2.25
CA ASP D 138 34.56 21.87 -2.58
C ASP D 138 33.43 20.84 -2.72
N ASP D 139 32.58 21.05 -3.71
CA ASP D 139 31.37 20.23 -3.92
C ASP D 139 31.70 18.83 -4.43
N LYS D 140 30.87 17.85 -4.05
CA LYS D 140 31.06 16.44 -4.44
C LYS D 140 29.79 15.81 -4.99
N ILE D 141 29.96 14.94 -5.98
CA ILE D 141 28.86 14.36 -6.73
C ILE D 141 28.44 13.04 -6.12
N ILE D 142 27.13 12.87 -5.97
CA ILE D 142 26.56 11.58 -5.63
C ILE D 142 26.04 10.99 -6.93
N ALA D 143 26.44 9.76 -7.21
CA ALA D 143 26.14 9.10 -8.47
C ALA D 143 25.92 7.61 -8.29
N VAL D 144 25.36 6.99 -9.33
CA VAL D 144 25.13 5.55 -9.33
C VAL D 144 25.81 4.95 -10.53
N CYS D 145 26.33 3.74 -10.37
CA CYS D 145 26.94 3.03 -11.48
C CYS D 145 25.85 2.70 -12.49
N ALA D 146 26.10 2.98 -13.76
CA ALA D 146 25.11 2.77 -14.82
C ALA D 146 25.02 1.31 -15.27
N ASP D 147 25.99 0.50 -14.87
CA ASP D 147 25.98 -0.92 -15.25
C ASP D 147 25.77 -1.82 -14.03
N ASP D 148 25.23 -1.25 -12.94
CA ASP D 148 24.88 -2.00 -11.71
C ASP D 148 23.35 -2.06 -11.60
N PRO D 149 22.76 -3.25 -11.81
CA PRO D 149 21.28 -3.37 -11.84
C PRO D 149 20.54 -2.90 -10.57
N GLU D 150 21.21 -2.95 -9.41
CA GLU D 150 20.66 -2.43 -8.16
C GLU D 150 20.45 -0.92 -8.28
N TYR D 151 21.55 -0.19 -8.38
CA TYR D 151 21.50 1.26 -8.31
C TYR D 151 21.23 2.00 -9.63
N LYS D 152 21.33 1.31 -10.77
CA LYS D 152 21.30 2.03 -12.07
C LYS D 152 19.99 2.70 -12.39
N HIS D 153 18.88 2.17 -11.88
CA HIS D 153 17.58 2.72 -12.23
C HIS D 153 17.20 3.98 -11.45
N TYR D 154 17.97 4.34 -10.42
CA TYR D 154 17.70 5.57 -9.65
C TYR D 154 18.12 6.81 -10.44
N THR D 155 17.43 7.93 -10.21
CA THR D 155 17.82 9.22 -10.82
C THR D 155 17.85 10.45 -9.89
N ASP D 156 17.32 10.35 -8.67
CA ASP D 156 17.39 11.43 -7.67
C ASP D 156 17.75 10.81 -6.30
N PHE D 157 18.62 11.49 -5.56
CA PHE D 157 18.97 11.09 -4.18
C PHE D 157 17.72 10.94 -3.30
N LYS D 158 16.68 11.72 -3.60
CA LYS D 158 15.41 11.60 -2.91
C LYS D 158 14.73 10.23 -3.09
N GLU D 159 15.02 9.53 -4.18
CA GLU D 159 14.44 8.19 -4.41
C GLU D 159 15.04 7.05 -3.56
N LEU D 160 16.19 7.29 -2.93
CA LEU D 160 16.88 6.29 -2.13
C LEU D 160 16.23 6.12 -0.76
N GLN D 161 16.47 4.96 -0.15
CA GLN D 161 15.79 4.59 1.09
C GLN D 161 16.47 5.37 2.19
N PRO D 162 15.73 5.75 3.23
CA PRO D 162 16.30 6.53 4.33
C PRO D 162 17.63 6.01 4.91
N HIS D 163 17.79 4.70 5.05
CA HIS D 163 19.03 4.10 5.58
C HIS D 163 20.24 4.29 4.65
N ARG D 164 20.02 4.20 3.34
CA ARG D 164 21.08 4.40 2.34
C ARG D 164 21.45 5.88 2.28
N LEU D 165 20.47 6.77 2.43
CA LEU D 165 20.69 8.22 2.58
C LEU D 165 21.47 8.59 3.83
N MET D 166 21.08 8.03 4.96
CA MET D 166 21.72 8.36 6.22
C MET D 166 23.18 7.94 6.19
N GLU D 167 23.43 6.71 5.73
CA GLU D 167 24.79 6.15 5.55
C GLU D 167 25.73 7.12 4.85
N ILE D 168 25.21 7.79 3.84
CA ILE D 168 25.95 8.75 3.04
C ILE D 168 26.13 10.09 3.76
N LYS D 169 25.02 10.65 4.23
CA LYS D 169 25.06 11.82 5.09
C LYS D 169 26.09 11.67 6.21
N ARG D 170 26.10 10.51 6.87
CA ARG D 170 27.07 10.23 7.95
C ARG D 170 28.48 10.27 7.42
N PHE D 171 28.75 9.52 6.37
CA PHE D 171 30.07 9.54 5.74
C PHE D 171 30.53 10.96 5.46
N PHE D 172 29.65 11.75 4.85
CA PHE D 172 29.95 13.15 4.55
C PHE D 172 30.01 14.09 5.77
N GLU D 173 29.29 13.78 6.85
CA GLU D 173 29.50 14.48 8.13
C GLU D 173 30.88 14.17 8.70
N ASP D 174 31.26 12.89 8.66
CA ASP D 174 32.61 12.45 9.08
C ASP D 174 33.73 12.85 8.10
N TYR D 175 33.36 13.23 6.88
CA TYR D 175 34.29 13.88 5.95
C TYR D 175 34.50 15.38 6.26
N LYS D 176 33.48 16.07 6.78
CA LYS D 176 33.61 17.48 7.23
C LYS D 176 34.52 17.66 8.44
N LYS D 177 34.40 16.77 9.42
CA LYS D 177 35.27 16.79 10.63
C LYS D 177 36.73 16.44 10.34
N ASN D 178 36.97 15.45 9.47
CA ASN D 178 38.32 14.91 9.23
C ASN D 178 39.16 15.64 8.17
N GLU D 179 38.53 16.47 7.34
CA GLU D 179 39.23 17.48 6.53
C GLU D 179 38.86 18.86 7.13
N ASN D 180 39.19 19.98 6.46
CA ASN D 180 38.94 21.32 7.02
C ASN D 180 37.75 22.06 6.38
N LYS D 181 36.60 21.38 6.34
CA LYS D 181 35.41 21.89 5.64
C LYS D 181 34.38 22.50 6.61
N GLU D 182 33.58 23.42 6.09
CA GLU D 182 32.51 24.08 6.84
C GLU D 182 31.18 23.45 6.46
N ASN D 186 24.84 22.00 3.50
CA ASN D 186 24.28 21.12 4.54
C ASN D 186 23.50 19.91 3.99
N GLU D 187 22.47 20.24 3.21
CA GLU D 187 21.56 19.27 2.60
C GLU D 187 22.06 18.95 1.21
N PHE D 188 21.52 17.89 0.62
CA PHE D 188 21.89 17.48 -0.74
C PHE D 188 21.08 18.27 -1.74
N LEU D 189 21.72 18.64 -2.86
CA LEU D 189 21.06 19.34 -3.97
C LEU D 189 20.75 18.38 -5.15
N PRO D 190 19.72 18.71 -5.97
CA PRO D 190 19.19 17.73 -6.95
C PRO D 190 20.10 17.45 -8.15
N PRO D 191 19.70 16.50 -9.02
CA PRO D 191 20.49 16.13 -10.22
C PRO D 191 20.83 17.30 -11.15
N SER D 192 19.83 18.14 -11.42
CA SER D 192 20.02 19.32 -12.27
C SER D 192 21.15 20.23 -11.78
N THR D 193 21.27 20.40 -10.46
CA THR D 193 22.36 21.21 -9.88
C THR D 193 23.71 20.53 -9.98
N ALA D 194 23.73 19.21 -9.84
CA ALA D 194 24.96 18.43 -9.96
C ALA D 194 25.52 18.49 -11.38
N VAL D 195 24.64 18.22 -12.34
CA VAL D 195 24.92 18.31 -13.76
C VAL D 195 25.54 19.69 -14.11
N GLU D 196 24.99 20.76 -13.55
CA GLU D 196 25.55 22.11 -13.72
C GLU D 196 26.97 22.26 -13.16
N ALA D 197 27.23 21.71 -11.98
CA ALA D 197 28.57 21.74 -11.39
C ALA D 197 29.58 20.83 -12.12
N ILE D 198 29.07 19.78 -12.77
CA ILE D 198 29.89 18.94 -13.63
C ILE D 198 30.28 19.73 -14.86
N GLN D 199 29.26 20.23 -15.57
CA GLN D 199 29.45 21.09 -16.73
C GLN D 199 30.51 22.14 -16.44
N HIS D 200 30.31 22.91 -15.39
CA HIS D 200 31.25 23.95 -14.97
C HIS D 200 32.67 23.40 -14.83
N SER D 201 32.81 22.23 -14.20
CA SER D 201 34.15 21.66 -13.97
C SER D 201 34.81 21.11 -15.27
N MET D 202 34.01 20.76 -16.26
CA MET D 202 34.53 20.42 -17.59
C MET D 202 35.03 21.67 -18.31
N ASP D 203 34.31 22.77 -18.14
CA ASP D 203 34.66 24.08 -18.67
C ASP D 203 35.96 24.57 -18.04
N LEU D 204 36.08 24.44 -16.73
CA LEU D 204 37.36 24.73 -16.05
C LEU D 204 38.53 23.90 -16.58
N TYR D 205 38.29 22.62 -16.86
CA TYR D 205 39.33 21.77 -17.42
C TYR D 205 39.74 22.28 -18.81
N ALA D 206 38.74 22.50 -19.66
CA ALA D 206 38.93 23.05 -21.01
C ALA D 206 39.75 24.34 -20.99
N GLU D 207 39.28 25.30 -20.19
CA GLU D 207 39.95 26.62 -20.10
C GLU D 207 41.41 26.52 -19.63
N TYR D 208 41.71 25.55 -18.77
CA TYR D 208 43.09 25.25 -18.36
C TYR D 208 43.89 24.68 -19.54
N ILE D 209 43.24 23.84 -20.35
CA ILE D 209 43.85 23.28 -21.57
C ILE D 209 44.19 24.39 -22.60
N LEU D 210 43.35 25.42 -22.71
CA LEU D 210 43.68 26.60 -23.51
C LEU D 210 44.96 27.26 -23.03
N HIS D 211 45.11 27.45 -21.72
CA HIS D 211 46.34 27.99 -21.15
C HIS D 211 47.61 27.13 -21.39
N THR D 212 47.46 25.93 -21.95
CA THR D 212 48.62 25.13 -22.44
C THR D 212 49.31 25.66 -23.72
N LEU D 213 48.71 26.63 -24.42
CA LEU D 213 49.08 26.95 -25.81
C LEU D 213 50.00 28.16 -25.95
#